data_5BUQ
#
_entry.id   5BUQ
#
_cell.length_a   82.780
_cell.length_b   76.910
_cell.length_c   93.870
_cell.angle_alpha   90.00
_cell.angle_beta   114.93
_cell.angle_gamma   90.00
#
_symmetry.space_group_name_H-M   'P 1 21 1'
#
loop_
_entity.id
_entity.type
_entity.pdbx_description
1 polymer '2-succinylbenzoate--CoA ligase'
2 non-polymer 'ACETATE ION'
3 non-polymer 'CALCIUM ION'
4 water water
#
_entity_poly.entity_id   1
_entity_poly.type   'polypeptide(L)'
_entity_poly.pdbx_seq_one_letter_code
;MGMLTEQPNWLMQRAQLTPERIALIYEDQTVTFAELFAASKRMAEQLAAHSVRKGDTAAILLQNRAEMVYAVHACFLLGV
KAVLLNTKLSTHERLFQLEDSGSGFLLTDSSFEKKEYEHIVQTIDVDELMKEAAEEIEIEAYMQMDATATLMYTSGTTGK
PKGVQQTFGNHYFSAVSSALNLGITEQDRWLIALPLFHISGLSALFKSVIYGMTVVLHQRFSVSDVLHSINRHEVTMISA
VQTMLASLLEETNRCPESIRCILLGGGPAPLPLLEECREKGFPVFQSYGMTETCSQIVTLSPEFSMEKLGSAGKPLFSCE
IKIERDGQVCEPYEHGEIMVKGPNVMKSYFNRESANEASFQNGWLKTGDLGYLDNEGFLYVLDRRSDLIISGGENIYPAE
VESVLLSHPAVAEAGVSGAEDKKWGKVPHAYLVLHKPVSAGELTDYCKERLAKYKIPAKFFVLDRLPRNASNKLLRNQLK
DARKGELLHHHHHH
;
_entity_poly.pdbx_strand_id   A,B
#
loop_
_chem_comp.id
_chem_comp.type
_chem_comp.name
_chem_comp.formula
ACT non-polymer 'ACETATE ION' 'C2 H3 O2 -1'
CA non-polymer 'CALCIUM ION' 'Ca 2'
#
# COMPACT_ATOMS: atom_id res chain seq x y z
N LEU A 4 4.37 3.57 -11.83
CA LEU A 4 3.78 2.46 -11.08
C LEU A 4 3.91 1.15 -11.87
N THR A 5 5.07 0.94 -12.48
CA THR A 5 5.29 -0.25 -13.29
C THR A 5 6.15 -1.28 -12.58
N GLU A 6 6.98 -0.83 -11.63
CA GLU A 6 7.93 -1.73 -10.98
C GLU A 6 8.19 -1.30 -9.55
N GLN A 7 8.55 -2.26 -8.70
CA GLN A 7 8.93 -1.98 -7.32
C GLN A 7 10.29 -2.62 -7.04
N PRO A 8 11.03 -2.10 -6.06
CA PRO A 8 12.20 -2.83 -5.57
C PRO A 8 11.79 -4.22 -5.12
N ASN A 9 12.57 -5.23 -5.49
CA ASN A 9 12.32 -6.59 -5.02
C ASN A 9 12.01 -6.59 -3.51
N TRP A 10 10.90 -7.21 -3.12
CA TRP A 10 10.43 -7.06 -1.75
C TRP A 10 11.43 -7.59 -0.74
N LEU A 11 12.01 -8.74 -1.03
CA LEU A 11 12.97 -9.33 -0.08
C LEU A 11 14.22 -8.47 0.03
N MET A 12 14.71 -7.99 -1.11
CA MET A 12 15.88 -7.13 -1.10
C MET A 12 15.64 -5.87 -0.26
N GLN A 13 14.56 -5.16 -0.55
CA GLN A 13 14.27 -3.95 0.22
C GLN A 13 14.03 -4.25 1.70
N ARG A 14 13.27 -5.32 1.99
CA ARG A 14 13.02 -5.72 3.38
C ARG A 14 14.35 -6.00 4.11
N ALA A 15 15.28 -6.67 3.46
CA ALA A 15 16.59 -6.91 4.07
C ALA A 15 17.35 -5.61 4.31
N GLN A 16 17.16 -4.61 3.44
CA GLN A 16 17.81 -3.31 3.63
C GLN A 16 17.23 -2.54 4.82
N LEU A 17 15.92 -2.64 4.99
CA LEU A 17 15.22 -1.86 6.02
C LEU A 17 15.35 -2.43 7.43
N THR A 18 15.12 -3.75 7.56
CA THR A 18 15.14 -4.41 8.86
C THR A 18 15.84 -5.76 8.77
N PRO A 19 17.15 -5.73 8.54
CA PRO A 19 17.95 -6.92 8.25
C PRO A 19 17.90 -7.99 9.33
N GLU A 20 17.81 -7.56 10.60
CA GLU A 20 17.95 -8.52 11.71
C GLU A 20 16.60 -8.91 12.32
N ARG A 21 15.49 -8.40 11.77
CA ARG A 21 14.18 -8.94 12.15
C ARG A 21 14.08 -10.37 11.62
N ILE A 22 13.22 -11.19 12.24
CA ILE A 22 13.14 -12.61 11.88
C ILE A 22 12.11 -12.83 10.78
N ALA A 23 12.55 -13.47 9.70
CA ALA A 23 11.69 -13.72 8.56
C ALA A 23 10.96 -15.03 8.72
N LEU A 24 11.69 -15.98 9.27
CA LEU A 24 11.23 -17.35 9.22
C LEU A 24 11.68 -18.13 10.43
N ILE A 25 10.75 -18.86 11.03
CA ILE A 25 11.08 -19.82 12.08
C ILE A 25 10.63 -21.18 11.59
N TYR A 26 11.58 -22.12 11.54
CA TYR A 26 11.27 -23.44 11.03
C TYR A 26 12.07 -24.45 11.81
N GLU A 27 11.35 -25.36 12.45
CA GLU A 27 11.95 -26.33 13.37
C GLU A 27 12.84 -25.60 14.37
N ASP A 28 14.11 -26.01 14.44
CA ASP A 28 15.07 -25.40 15.35
C ASP A 28 15.87 -24.28 14.70
N GLN A 29 15.27 -23.58 13.75
CA GLN A 29 15.98 -22.55 13.01
C GLN A 29 15.24 -21.21 12.97
N THR A 30 15.98 -20.12 13.20
CA THR A 30 15.47 -18.79 12.96
C THR A 30 16.25 -18.17 11.81
N VAL A 31 15.55 -17.58 10.86
CA VAL A 31 16.22 -16.97 9.72
C VAL A 31 15.83 -15.50 9.66
N THR A 32 16.80 -14.60 9.80
CA THR A 32 16.55 -13.15 9.66
C THR A 32 16.31 -12.79 8.20
N PHE A 33 15.82 -11.57 7.95
CA PHE A 33 15.61 -11.17 6.56
C PHE A 33 16.95 -11.06 5.81
N ALA A 34 18.00 -10.59 6.48
CA ALA A 34 19.34 -10.57 5.89
C ALA A 34 19.76 -11.99 5.47
N GLU A 35 19.58 -12.96 6.37
CA GLU A 35 19.96 -14.35 6.09
C GLU A 35 19.13 -14.91 4.94
N LEU A 36 17.86 -14.53 4.91
CA LEU A 36 16.95 -15.02 3.87
C LEU A 36 17.34 -14.48 2.51
N PHE A 37 17.61 -13.18 2.45
CA PHE A 37 18.07 -12.59 1.20
C PHE A 37 19.39 -13.24 0.75
N ALA A 38 20.30 -13.44 1.69
CA ALA A 38 21.58 -14.07 1.37
C ALA A 38 21.40 -15.50 0.84
N ALA A 39 20.52 -16.27 1.46
CA ALA A 39 20.30 -17.66 1.07
C ALA A 39 19.62 -17.72 -0.29
N SER A 40 18.75 -16.75 -0.55
CA SER A 40 17.98 -16.77 -1.79
C SER A 40 18.87 -16.33 -2.96
N LYS A 41 19.73 -15.36 -2.70
CA LYS A 41 20.71 -14.91 -3.69
C LYS A 41 21.68 -16.05 -4.02
N ARG A 42 22.15 -16.73 -2.99
CA ARG A 42 23.08 -17.84 -3.19
C ARG A 42 22.42 -18.92 -4.05
N MET A 43 21.20 -19.30 -3.70
CA MET A 43 20.52 -20.34 -4.45
C MET A 43 20.28 -19.89 -5.90
N ALA A 44 20.02 -18.60 -6.09
CA ALA A 44 19.84 -18.07 -7.44
C ALA A 44 21.13 -18.23 -8.25
N GLU A 45 22.25 -17.98 -7.61
CA GLU A 45 23.55 -18.13 -8.25
C GLU A 45 23.78 -19.58 -8.66
N GLN A 46 23.38 -20.50 -7.77
CA GLN A 46 23.54 -21.90 -8.07
C GLN A 46 22.60 -22.35 -9.19
N LEU A 47 21.37 -21.85 -9.20
CA LEU A 47 20.47 -22.13 -10.31
C LEU A 47 21.02 -21.60 -11.63
N ALA A 48 21.58 -20.39 -11.59
CA ALA A 48 22.11 -19.75 -12.78
C ALA A 48 23.23 -20.61 -13.35
N ALA A 49 24.01 -21.23 -12.47
CA ALA A 49 25.08 -22.13 -12.88
C ALA A 49 24.52 -23.41 -13.50
N HIS A 50 23.25 -23.69 -13.26
CA HIS A 50 22.60 -24.82 -13.91
C HIS A 50 21.88 -24.37 -15.17
N SER A 51 22.22 -23.17 -15.62
CA SER A 51 21.72 -22.59 -16.89
C SER A 51 20.31 -22.02 -16.79
N VAL A 52 19.79 -21.85 -15.57
CA VAL A 52 18.49 -21.19 -15.40
C VAL A 52 18.66 -19.72 -15.74
N ARG A 53 17.79 -19.20 -16.60
CA ARG A 53 17.91 -17.84 -17.15
C ARG A 53 16.66 -17.01 -17.00
N LYS A 54 16.82 -15.68 -16.98
CA LYS A 54 15.69 -14.76 -16.95
C LYS A 54 14.67 -15.11 -18.04
N GLY A 55 13.40 -15.15 -17.68
CA GLY A 55 12.36 -15.48 -18.65
C GLY A 55 11.99 -16.95 -18.65
N ASP A 56 12.83 -17.79 -18.05
CA ASP A 56 12.51 -19.22 -17.93
C ASP A 56 11.39 -19.49 -16.94
N THR A 57 10.92 -20.73 -16.92
CA THR A 57 9.90 -21.16 -15.97
C THR A 57 10.46 -22.35 -15.20
N ALA A 58 10.36 -22.30 -13.88
CA ALA A 58 10.87 -23.39 -13.04
C ALA A 58 9.78 -23.87 -12.12
N ALA A 59 9.61 -25.19 -12.01
CA ALA A 59 8.62 -25.73 -11.10
C ALA A 59 9.29 -26.10 -9.80
N ILE A 60 8.51 -26.11 -8.73
CA ILE A 60 9.03 -26.46 -7.41
C ILE A 60 8.14 -27.53 -6.82
N LEU A 61 8.75 -28.63 -6.41
CA LEU A 61 8.03 -29.74 -5.80
C LEU A 61 8.68 -30.06 -4.46
N LEU A 62 8.17 -29.46 -3.40
CA LEU A 62 8.79 -29.58 -2.09
C LEU A 62 7.75 -29.57 -0.98
N GLN A 63 8.09 -30.21 0.13
CA GLN A 63 7.33 -30.04 1.36
C GLN A 63 7.68 -28.69 1.98
N ASN A 64 6.86 -28.23 2.91
CA ASN A 64 7.16 -27.01 3.65
C ASN A 64 8.53 -27.13 4.31
N ARG A 65 9.50 -26.38 3.80
CA ARG A 65 10.89 -26.40 4.28
C ARG A 65 11.42 -24.99 4.14
N ALA A 66 12.47 -24.65 4.89
CA ALA A 66 13.11 -23.36 4.67
C ALA A 66 13.59 -23.23 3.24
N GLU A 67 14.08 -24.34 2.68
CA GLU A 67 14.61 -24.34 1.32
C GLU A 67 13.53 -24.01 0.30
N MET A 68 12.28 -24.35 0.60
CA MET A 68 11.21 -24.00 -0.31
C MET A 68 11.02 -22.49 -0.36
N VAL A 69 11.15 -21.84 0.79
CA VAL A 69 11.06 -20.39 0.83
C VAL A 69 12.23 -19.78 0.05
N TYR A 70 13.43 -20.33 0.21
CA TYR A 70 14.60 -19.83 -0.55
C TYR A 70 14.35 -19.93 -2.05
N ALA A 71 13.80 -21.06 -2.47
CA ALA A 71 13.64 -21.34 -3.89
C ALA A 71 12.66 -20.39 -4.56
N VAL A 72 11.59 -20.05 -3.86
CA VAL A 72 10.60 -19.13 -4.42
C VAL A 72 11.25 -17.77 -4.61
N HIS A 73 11.97 -17.31 -3.59
CA HIS A 73 12.59 -15.99 -3.68
C HIS A 73 13.76 -15.98 -4.67
N ALA A 74 14.47 -17.10 -4.76
CA ALA A 74 15.54 -17.23 -5.75
C ALA A 74 15.01 -17.09 -7.18
N CYS A 75 13.83 -17.66 -7.44
CA CYS A 75 13.19 -17.50 -8.73
C CYS A 75 12.91 -16.03 -9.05
N PHE A 76 12.42 -15.28 -8.08
CA PHE A 76 12.14 -13.86 -8.31
C PHE A 76 13.45 -13.11 -8.61
N LEU A 77 14.49 -13.40 -7.82
CA LEU A 77 15.78 -12.75 -7.99
C LEU A 77 16.46 -13.04 -9.34
N LEU A 78 16.04 -14.12 -10.00
CA LEU A 78 16.55 -14.49 -11.33
C LEU A 78 15.66 -14.01 -12.46
N GLY A 79 14.45 -13.55 -12.11
CA GLY A 79 13.46 -13.21 -13.12
C GLY A 79 12.81 -14.44 -13.74
N VAL A 80 12.69 -15.52 -12.96
CA VAL A 80 12.10 -16.78 -13.40
C VAL A 80 10.70 -16.97 -12.82
N LYS A 81 9.74 -17.43 -13.62
CA LYS A 81 8.40 -17.72 -13.12
C LYS A 81 8.42 -19.02 -12.33
N ALA A 82 7.77 -19.02 -11.17
CA ALA A 82 7.77 -20.20 -10.32
C ALA A 82 6.43 -20.94 -10.40
N VAL A 83 6.49 -22.23 -10.75
CA VAL A 83 5.28 -23.06 -10.78
C VAL A 83 5.26 -23.93 -9.54
N LEU A 84 4.31 -23.67 -8.66
CA LEU A 84 4.22 -24.39 -7.40
C LEU A 84 3.37 -25.64 -7.57
N LEU A 85 4.00 -26.81 -7.39
CA LEU A 85 3.30 -28.07 -7.66
C LEU A 85 2.72 -28.70 -6.40
N ASN A 86 1.47 -29.15 -6.52
CA ASN A 86 0.78 -29.89 -5.46
C ASN A 86 1.42 -31.27 -5.24
N THR A 87 1.95 -31.50 -4.04
CA THR A 87 2.56 -32.79 -3.70
C THR A 87 1.58 -33.96 -3.71
N LYS A 88 0.28 -33.66 -3.65
CA LYS A 88 -0.70 -34.71 -3.42
C LYS A 88 -1.29 -35.25 -4.72
N LEU A 89 -0.99 -34.59 -5.83
CA LEU A 89 -1.44 -35.05 -7.13
C LEU A 89 -0.64 -36.29 -7.55
N SER A 90 -1.13 -36.98 -8.58
CA SER A 90 -0.37 -38.09 -9.14
C SER A 90 0.80 -37.55 -9.94
N THR A 91 1.80 -38.39 -10.18
CA THR A 91 2.91 -37.98 -11.03
C THR A 91 2.39 -37.62 -12.42
N HIS A 92 1.43 -38.40 -12.92
CA HIS A 92 0.79 -38.12 -14.20
C HIS A 92 0.28 -36.69 -14.27
N GLU A 93 -0.48 -36.28 -13.25
CA GLU A 93 -1.04 -34.94 -13.19
C GLU A 93 0.07 -33.90 -13.11
N ARG A 94 1.14 -34.24 -12.42
CA ARG A 94 2.30 -33.36 -12.27
C ARG A 94 2.97 -33.13 -13.62
N LEU A 95 3.12 -34.22 -14.37
CA LEU A 95 3.71 -34.16 -15.71
C LEU A 95 2.89 -33.26 -16.64
N PHE A 96 1.56 -33.33 -16.55
CA PHE A 96 0.73 -32.47 -17.39
C PHE A 96 0.99 -31.00 -17.11
N GLN A 97 1.12 -30.65 -15.83
CA GLN A 97 1.34 -29.26 -15.46
C GLN A 97 2.75 -28.81 -15.83
N LEU A 98 3.73 -29.71 -15.75
CA LEU A 98 5.07 -29.38 -16.19
C LEU A 98 5.08 -29.07 -17.70
N GLU A 99 4.36 -29.86 -18.47
CA GLU A 99 4.30 -29.64 -19.91
C GLU A 99 3.54 -28.36 -20.24
N ASP A 100 2.33 -28.25 -19.70
CA ASP A 100 1.48 -27.11 -19.98
C ASP A 100 2.12 -25.77 -19.56
N SER A 101 2.82 -25.78 -18.44
CA SER A 101 3.42 -24.54 -17.91
C SER A 101 4.66 -24.11 -18.69
N GLY A 102 5.20 -25.02 -19.51
CA GLY A 102 6.43 -24.75 -20.22
C GLY A 102 7.65 -24.74 -19.32
N SER A 103 7.56 -25.36 -18.15
CA SER A 103 8.70 -25.40 -17.23
C SER A 103 9.93 -26.02 -17.88
N GLY A 104 11.10 -25.43 -17.64
CA GLY A 104 12.33 -26.01 -18.15
C GLY A 104 13.08 -26.74 -17.06
N PHE A 105 12.67 -26.50 -15.82
CA PHE A 105 13.35 -27.03 -14.65
C PHE A 105 12.38 -27.48 -13.58
N LEU A 106 12.80 -28.47 -12.78
CA LEU A 106 12.05 -28.88 -11.60
C LEU A 106 12.96 -28.86 -10.40
N LEU A 107 12.63 -28.02 -9.43
CA LEU A 107 13.36 -27.94 -8.18
C LEU A 107 12.66 -28.81 -7.13
N THR A 108 13.34 -29.85 -6.65
CA THR A 108 12.70 -30.82 -5.78
C THR A 108 13.75 -31.42 -4.85
N ASP A 109 13.41 -32.50 -4.16
CA ASP A 109 14.40 -33.18 -3.35
C ASP A 109 14.21 -34.70 -3.40
N SER A 110 15.05 -35.41 -2.66
CA SER A 110 15.12 -36.87 -2.82
C SER A 110 13.96 -37.60 -2.16
N SER A 111 13.06 -36.88 -1.51
CA SER A 111 11.86 -37.49 -0.93
C SER A 111 10.81 -37.69 -2.03
N PHE A 112 11.05 -37.08 -3.18
CA PHE A 112 10.21 -37.30 -4.34
C PHE A 112 10.94 -38.17 -5.34
N GLU A 113 10.20 -38.77 -6.27
CA GLU A 113 10.80 -39.66 -7.27
C GLU A 113 11.36 -38.84 -8.42
N LYS A 114 12.58 -38.35 -8.25
CA LYS A 114 13.18 -37.41 -9.20
C LYS A 114 13.25 -37.96 -10.62
N LYS A 115 13.52 -39.25 -10.75
CA LYS A 115 13.80 -39.85 -12.06
C LYS A 115 12.58 -39.83 -12.97
N GLU A 116 11.39 -39.75 -12.37
CA GLU A 116 10.15 -39.77 -13.15
C GLU A 116 9.93 -38.45 -13.90
N TYR A 117 10.75 -37.45 -13.62
CA TYR A 117 10.56 -36.13 -14.20
C TYR A 117 11.70 -35.74 -15.13
N GLU A 118 12.79 -36.50 -15.07
CA GLU A 118 14.03 -36.12 -15.74
C GLU A 118 13.90 -36.13 -17.27
N HIS A 119 12.80 -36.64 -17.79
CA HIS A 119 12.62 -36.72 -19.24
C HIS A 119 11.99 -35.47 -19.85
N ILE A 120 11.33 -34.67 -19.01
CA ILE A 120 10.62 -33.49 -19.51
C ILE A 120 11.26 -32.19 -19.01
N VAL A 121 11.97 -32.25 -17.90
CA VAL A 121 12.72 -31.07 -17.43
C VAL A 121 14.04 -31.47 -16.82
N GLN A 122 14.95 -30.49 -16.73
CA GLN A 122 16.14 -30.69 -15.91
C GLN A 122 15.70 -30.68 -14.46
N THR A 123 15.97 -31.78 -13.77
CA THR A 123 15.54 -31.95 -12.40
C THR A 123 16.73 -31.68 -11.48
N ILE A 124 16.51 -30.81 -10.50
CA ILE A 124 17.57 -30.36 -9.62
C ILE A 124 17.17 -30.70 -8.18
N ASP A 125 18.08 -31.32 -7.45
CA ASP A 125 17.92 -31.59 -6.03
C ASP A 125 18.40 -30.38 -5.23
N VAL A 126 17.53 -29.74 -4.46
CA VAL A 126 17.90 -28.50 -3.78
C VAL A 126 19.02 -28.68 -2.76
N ASP A 127 19.01 -29.80 -2.06
CA ASP A 127 20.04 -30.07 -1.06
C ASP A 127 21.42 -30.26 -1.71
N GLU A 128 21.46 -30.96 -2.85
CA GLU A 128 22.70 -31.08 -3.62
C GLU A 128 23.12 -29.71 -4.16
N LEU A 129 22.15 -28.97 -4.68
CA LEU A 129 22.42 -27.67 -5.29
C LEU A 129 23.07 -26.67 -4.30
N MET A 130 22.60 -26.66 -3.07
CA MET A 130 23.06 -25.67 -2.09
C MET A 130 24.51 -25.90 -1.67
N LYS A 131 25.06 -27.05 -2.05
CA LYS A 131 26.45 -27.38 -1.73
C LYS A 131 27.39 -27.07 -2.89
N GLU A 132 26.83 -26.59 -4.00
CA GLU A 132 27.62 -26.30 -5.18
C GLU A 132 28.28 -24.94 -5.11
N ALA A 133 29.42 -24.82 -5.78
CA ALA A 133 30.07 -23.53 -5.97
C ALA A 133 29.49 -22.90 -7.22
N ALA A 134 29.44 -21.57 -7.23
CA ALA A 134 28.83 -20.85 -8.34
C ALA A 134 29.28 -19.41 -8.33
N GLU A 135 29.41 -18.82 -9.51
CA GLU A 135 29.80 -17.42 -9.60
C GLU A 135 28.68 -16.50 -9.13
N GLU A 136 29.04 -15.39 -8.50
CA GLU A 136 28.05 -14.42 -8.09
C GLU A 136 27.41 -13.83 -9.34
N ILE A 137 26.17 -13.38 -9.22
CA ILE A 137 25.47 -12.76 -10.35
C ILE A 137 24.91 -11.41 -9.92
N GLU A 138 24.37 -10.68 -10.88
CA GLU A 138 23.59 -9.50 -10.56
C GLU A 138 22.11 -9.90 -10.51
N ILE A 139 21.48 -9.72 -9.37
CA ILE A 139 20.11 -10.18 -9.23
C ILE A 139 19.14 -9.19 -9.89
N GLU A 140 17.93 -9.63 -10.18
CA GLU A 140 16.89 -8.73 -10.67
C GLU A 140 16.43 -7.86 -9.51
N ALA A 141 16.88 -6.62 -9.48
CA ALA A 141 16.60 -5.76 -8.32
C ALA A 141 15.19 -5.17 -8.32
N TYR A 142 14.48 -5.29 -9.44
CA TYR A 142 13.11 -4.80 -9.56
C TYR A 142 12.10 -5.89 -9.89
N MET A 143 10.92 -5.79 -9.30
CA MET A 143 9.79 -6.63 -9.65
C MET A 143 8.87 -5.85 -10.59
N GLN A 144 8.61 -6.37 -11.77
CA GLN A 144 7.61 -5.77 -12.64
C GLN A 144 6.20 -6.13 -12.16
N MET A 145 5.39 -5.11 -11.86
CA MET A 145 4.07 -5.33 -11.28
C MET A 145 3.15 -6.19 -12.15
N ASP A 146 3.30 -6.09 -13.46
CA ASP A 146 2.40 -6.79 -14.36
C ASP A 146 2.97 -8.13 -14.82
N ALA A 147 4.19 -8.42 -14.40
CA ALA A 147 4.83 -9.69 -14.77
C ALA A 147 4.32 -10.85 -13.89
N THR A 148 4.22 -12.02 -14.50
CA THR A 148 3.81 -13.23 -13.78
C THR A 148 4.86 -13.61 -12.77
N ALA A 149 4.46 -13.72 -11.51
CA ALA A 149 5.39 -14.13 -10.46
C ALA A 149 5.33 -15.63 -10.28
N THR A 150 4.10 -16.14 -10.12
CA THR A 150 3.87 -17.54 -9.83
C THR A 150 2.77 -18.03 -10.73
N LEU A 151 2.81 -19.31 -11.04
CA LEU A 151 1.77 -19.95 -11.81
C LEU A 151 1.19 -21.06 -10.96
N MET A 152 -0.11 -21.04 -10.74
CA MET A 152 -0.72 -21.98 -9.82
C MET A 152 -1.94 -22.61 -10.48
N TYR A 153 -1.97 -23.95 -10.53
CA TYR A 153 -3.04 -24.64 -11.25
C TYR A 153 -4.31 -24.82 -10.43
N THR A 154 -5.44 -24.65 -11.09
CA THR A 154 -6.74 -25.00 -10.57
C THR A 154 -6.91 -26.51 -10.46
N SER A 155 -8.06 -26.95 -9.98
CA SER A 155 -8.35 -28.38 -9.92
C SER A 155 -9.85 -28.62 -9.84
N LYS A 160 -9.75 -30.30 -17.12
CA LYS A 160 -8.30 -30.12 -17.22
C LYS A 160 -7.84 -28.82 -16.55
N PRO A 161 -6.89 -28.92 -15.62
CA PRO A 161 -6.42 -27.79 -14.81
C PRO A 161 -5.95 -26.59 -15.65
N LYS A 162 -6.20 -25.40 -15.14
CA LYS A 162 -5.76 -24.17 -15.79
C LYS A 162 -4.70 -23.49 -14.93
N GLY A 163 -3.68 -22.94 -15.59
CA GLY A 163 -2.62 -22.25 -14.89
C GLY A 163 -3.01 -20.82 -14.58
N VAL A 164 -3.08 -20.50 -13.30
CA VAL A 164 -3.41 -19.13 -12.92
C VAL A 164 -2.14 -18.30 -12.88
N GLN A 165 -2.11 -17.25 -13.69
CA GLN A 165 -0.96 -16.36 -13.72
C GLN A 165 -1.13 -15.32 -12.64
N GLN A 166 -0.30 -15.42 -11.60
CA GLN A 166 -0.36 -14.52 -10.46
C GLN A 166 0.80 -13.53 -10.57
N THR A 167 0.48 -12.26 -10.79
CA THR A 167 1.51 -11.26 -10.99
C THR A 167 2.09 -10.74 -9.69
N PHE A 168 3.22 -10.02 -9.76
CA PHE A 168 3.76 -9.43 -8.55
C PHE A 168 2.77 -8.40 -8.01
N GLY A 169 2.13 -7.68 -8.91
CA GLY A 169 1.10 -6.73 -8.51
C GLY A 169 -0.03 -7.42 -7.75
N ASN A 170 -0.51 -8.55 -8.27
CA ASN A 170 -1.56 -9.30 -7.58
C ASN A 170 -1.15 -9.60 -6.14
N HIS A 171 0.06 -10.10 -5.97
CA HIS A 171 0.50 -10.52 -4.64
C HIS A 171 0.67 -9.33 -3.73
N TYR A 172 1.18 -8.24 -4.28
CA TYR A 172 1.38 -7.03 -3.48
C TYR A 172 0.05 -6.50 -2.96
N PHE A 173 -0.93 -6.36 -3.85
CA PHE A 173 -2.21 -5.81 -3.43
C PHE A 173 -3.00 -6.78 -2.54
N SER A 174 -2.82 -8.08 -2.72
CA SER A 174 -3.44 -9.02 -1.77
C SER A 174 -2.91 -8.75 -0.36
N ALA A 175 -1.60 -8.60 -0.24
CA ALA A 175 -0.97 -8.37 1.04
C ALA A 175 -1.44 -7.06 1.70
N VAL A 176 -1.47 -6.00 0.90
CA VAL A 176 -1.85 -4.68 1.42
C VAL A 176 -3.33 -4.64 1.82
N SER A 177 -4.19 -5.20 0.97
CA SER A 177 -5.62 -5.20 1.28
C SER A 177 -5.90 -6.01 2.54
N SER A 178 -5.20 -7.13 2.69
CA SER A 178 -5.35 -7.93 3.90
C SER A 178 -4.91 -7.14 5.14
N ALA A 179 -3.81 -6.39 5.00
CA ALA A 179 -3.30 -5.60 6.11
C ALA A 179 -4.30 -4.51 6.50
N LEU A 180 -4.92 -3.87 5.51
CA LEU A 180 -5.92 -2.86 5.81
C LEU A 180 -7.14 -3.48 6.50
N ASN A 181 -7.43 -4.73 6.19
CA ASN A 181 -8.58 -5.44 6.79
C ASN A 181 -8.27 -5.88 8.23
N LEU A 182 -7.10 -6.46 8.45
CA LEU A 182 -6.79 -7.08 9.75
C LEU A 182 -6.00 -6.17 10.70
N GLY A 183 -5.42 -5.11 10.15
CA GLY A 183 -4.46 -4.29 10.88
C GLY A 183 -3.11 -5.00 10.86
N ILE A 184 -2.04 -4.26 11.09
CA ILE A 184 -0.71 -4.87 11.20
C ILE A 184 0.14 -4.14 12.22
N THR A 185 0.91 -4.89 13.00
CA THR A 185 1.88 -4.27 13.91
C THR A 185 3.18 -5.05 13.92
N GLU A 186 4.19 -4.47 14.57
CA GLU A 186 5.51 -5.10 14.65
C GLU A 186 5.52 -6.36 15.49
N GLN A 187 4.50 -6.56 16.31
CA GLN A 187 4.44 -7.79 17.12
C GLN A 187 3.78 -8.97 16.39
N ASP A 188 3.19 -8.73 15.23
CA ASP A 188 2.51 -9.82 14.56
C ASP A 188 3.45 -10.88 14.01
N ARG A 189 3.02 -12.13 14.14
CA ARG A 189 3.72 -13.28 13.62
C ARG A 189 2.69 -14.28 13.13
N TRP A 190 2.94 -14.83 11.96
CA TRP A 190 1.94 -15.63 11.26
C TRP A 190 2.39 -17.09 11.21
N LEU A 191 1.55 -17.97 11.73
CA LEU A 191 1.84 -19.41 11.68
C LEU A 191 1.17 -20.08 10.49
N ILE A 192 1.99 -20.74 9.67
CA ILE A 192 1.52 -21.48 8.48
C ILE A 192 1.80 -22.99 8.68
N ALA A 193 0.74 -23.79 8.69
CA ALA A 193 0.88 -25.23 8.81
C ALA A 193 0.18 -25.91 7.64
N LEU A 194 -0.17 -25.11 6.64
CA LEU A 194 -0.77 -25.62 5.43
C LEU A 194 0.25 -25.55 4.31
N PRO A 195 0.01 -26.24 3.20
CA PRO A 195 1.05 -26.30 2.16
C PRO A 195 1.36 -24.95 1.53
N LEU A 196 2.65 -24.68 1.34
CA LEU A 196 3.08 -23.45 0.69
C LEU A 196 2.73 -23.45 -0.80
N PHE A 197 2.36 -24.59 -1.37
CA PHE A 197 2.00 -24.61 -2.79
C PHE A 197 0.55 -24.20 -3.02
N HIS A 198 -0.20 -24.05 -1.93
CA HIS A 198 -1.54 -23.47 -2.03
C HIS A 198 -1.52 -21.99 -1.70
N ILE A 199 -2.43 -21.21 -2.25
CA ILE A 199 -2.30 -19.76 -2.16
C ILE A 199 -2.39 -19.23 -0.73
N SER A 200 -3.12 -19.90 0.16
CA SER A 200 -3.18 -19.51 1.57
C SER A 200 -1.77 -19.44 2.17
N GLY A 201 -1.03 -20.54 2.05
CA GLY A 201 0.33 -20.59 2.55
C GLY A 201 1.27 -19.68 1.80
N LEU A 202 1.22 -19.73 0.47
CA LEU A 202 2.15 -18.96 -0.33
C LEU A 202 2.05 -17.45 -0.03
N SER A 203 0.82 -16.95 0.04
CA SER A 203 0.59 -15.52 0.25
C SER A 203 1.27 -15.01 1.54
N ALA A 204 1.36 -15.86 2.56
CA ALA A 204 2.01 -15.48 3.81
C ALA A 204 3.49 -15.16 3.63
N LEU A 205 4.15 -15.82 2.68
CA LEU A 205 5.55 -15.51 2.37
C LEU A 205 5.69 -14.09 1.85
N PHE A 206 4.68 -13.62 1.14
CA PHE A 206 4.75 -12.31 0.54
C PHE A 206 4.39 -11.26 1.59
N LYS A 207 3.36 -11.53 2.38
CA LYS A 207 3.07 -10.69 3.55
C LYS A 207 4.32 -10.54 4.42
N SER A 208 5.07 -11.62 4.59
CA SER A 208 6.25 -11.59 5.45
C SER A 208 7.28 -10.52 5.04
N VAL A 209 7.68 -10.51 3.76
CA VAL A 209 8.67 -9.51 3.33
C VAL A 209 8.04 -8.12 3.17
N ILE A 210 6.77 -8.06 2.78
CA ILE A 210 6.17 -6.75 2.61
C ILE A 210 5.94 -6.08 3.98
N TYR A 211 5.39 -6.83 4.95
CA TYR A 211 5.17 -6.25 6.29
C TYR A 211 6.44 -6.21 7.14
N GLY A 212 7.42 -7.04 6.80
CA GLY A 212 8.51 -7.32 7.72
C GLY A 212 8.05 -8.23 8.88
N MET A 213 7.21 -9.21 8.57
CA MET A 213 6.56 -10.05 9.57
C MET A 213 7.11 -11.48 9.57
N THR A 214 7.44 -11.99 10.74
CA THR A 214 7.87 -13.38 10.89
C THR A 214 6.81 -14.40 10.50
N VAL A 215 7.23 -15.40 9.72
CA VAL A 215 6.40 -16.58 9.46
C VAL A 215 6.94 -17.77 10.25
N VAL A 216 6.08 -18.38 11.07
CA VAL A 216 6.40 -19.62 11.78
C VAL A 216 5.88 -20.77 10.93
N LEU A 217 6.80 -21.50 10.30
CA LEU A 217 6.44 -22.52 9.30
C LEU A 217 6.46 -23.94 9.87
N HIS A 218 5.34 -24.66 9.68
CA HIS A 218 5.24 -26.06 10.07
C HIS A 218 5.12 -26.91 8.81
N GLN A 219 5.64 -28.12 8.85
CA GLN A 219 5.57 -28.95 7.65
C GLN A 219 4.16 -29.51 7.48
N ARG A 220 3.51 -29.83 8.58
CA ARG A 220 2.13 -30.28 8.54
C ARG A 220 1.44 -29.84 9.82
N PHE A 221 0.14 -30.08 9.92
CA PHE A 221 -0.58 -29.71 11.14
C PHE A 221 -0.57 -30.85 12.17
N SER A 222 -0.03 -30.54 13.35
CA SER A 222 -0.15 -31.40 14.53
C SER A 222 -0.57 -30.49 15.66
N VAL A 223 -1.74 -30.75 16.25
CA VAL A 223 -2.32 -29.77 17.16
C VAL A 223 -1.39 -29.49 18.35
N SER A 224 -0.74 -30.53 18.88
CA SER A 224 0.15 -30.30 20.01
C SER A 224 1.34 -29.44 19.61
N ASP A 225 1.92 -29.74 18.45
CA ASP A 225 3.06 -28.96 17.97
C ASP A 225 2.67 -27.50 17.68
N VAL A 226 1.47 -27.31 17.17
CA VAL A 226 1.02 -25.96 16.84
C VAL A 226 0.80 -25.14 18.11
N LEU A 227 0.17 -25.75 19.11
CA LEU A 227 -0.08 -25.02 20.35
C LEU A 227 1.25 -24.68 21.05
N HIS A 228 2.19 -25.62 21.03
CA HIS A 228 3.49 -25.36 21.62
C HIS A 228 4.21 -24.24 20.88
N SER A 229 4.09 -24.25 19.56
CA SER A 229 4.74 -23.24 18.73
C SER A 229 4.12 -21.86 18.94
N ILE A 230 2.80 -21.82 19.11
CA ILE A 230 2.12 -20.54 19.34
C ILE A 230 2.64 -19.85 20.61
N ASN A 231 2.80 -20.63 21.66
N ASN A 231 2.80 -20.62 21.66
CA ASN A 231 3.31 -20.11 22.92
CA ASN A 231 3.33 -20.09 22.93
C ASN A 231 4.81 -19.75 22.85
C ASN A 231 4.81 -19.74 22.82
N ARG A 232 5.60 -20.68 22.31
CA ARG A 232 7.05 -20.48 22.22
C ARG A 232 7.45 -19.33 21.26
N HIS A 233 6.72 -19.14 20.17
CA HIS A 233 7.15 -18.17 19.16
C HIS A 233 6.23 -16.97 19.04
N GLU A 234 5.39 -16.73 20.05
CA GLU A 234 4.58 -15.51 20.13
C GLU A 234 3.69 -15.30 18.89
N VAL A 235 3.04 -16.35 18.43
CA VAL A 235 2.22 -16.27 17.22
C VAL A 235 0.95 -15.46 17.45
N THR A 236 0.67 -14.49 16.57
CA THR A 236 -0.57 -13.71 16.70
C THR A 236 -1.61 -14.00 15.61
N MET A 237 -1.16 -14.59 14.49
CA MET A 237 -2.06 -14.89 13.38
C MET A 237 -1.86 -16.31 12.89
N ILE A 238 -2.93 -16.92 12.40
CA ILE A 238 -2.81 -18.28 11.89
C ILE A 238 -3.85 -18.55 10.81
N SER A 239 -3.48 -19.31 9.78
CA SER A 239 -4.45 -19.68 8.75
C SER A 239 -4.90 -21.10 9.04
N ALA A 240 -6.21 -21.35 8.95
CA ALA A 240 -6.71 -22.69 9.28
C ALA A 240 -7.80 -23.16 8.33
N VAL A 241 -7.96 -24.48 8.26
CA VAL A 241 -9.18 -25.07 7.71
C VAL A 241 -10.01 -25.58 8.88
N GLN A 242 -11.23 -26.03 8.62
CA GLN A 242 -12.14 -26.31 9.71
C GLN A 242 -11.66 -27.43 10.65
N THR A 243 -11.11 -28.52 10.10
CA THR A 243 -10.60 -29.61 10.94
C THR A 243 -9.47 -29.16 11.84
N MET A 244 -8.70 -28.18 11.39
CA MET A 244 -7.65 -27.58 12.21
C MET A 244 -8.22 -26.81 13.38
N LEU A 245 -9.21 -25.94 13.09
CA LEU A 245 -9.87 -25.16 14.11
C LEU A 245 -10.58 -26.06 15.12
N ALA A 246 -11.19 -27.12 14.63
CA ALA A 246 -11.88 -28.05 15.53
C ALA A 246 -10.89 -28.64 16.52
N SER A 247 -9.73 -29.07 16.03
CA SER A 247 -8.71 -29.68 16.92
C SER A 247 -8.15 -28.69 17.94
N LEU A 248 -7.94 -27.44 17.51
CA LEU A 248 -7.45 -26.40 18.42
C LEU A 248 -8.43 -26.17 19.57
N LEU A 249 -9.70 -26.08 19.21
CA LEU A 249 -10.77 -25.92 20.18
C LEU A 249 -10.81 -27.08 21.17
N GLU A 250 -10.64 -28.29 20.64
CA GLU A 250 -10.70 -29.48 21.48
C GLU A 250 -9.54 -29.55 22.47
N GLU A 251 -8.40 -28.96 22.12
CA GLU A 251 -7.20 -29.13 22.94
C GLU A 251 -6.87 -27.91 23.80
N THR A 252 -7.80 -26.96 23.90
CA THR A 252 -7.55 -25.77 24.70
C THR A 252 -8.72 -25.46 25.63
N ASN A 253 -8.46 -24.73 26.70
CA ASN A 253 -9.51 -24.26 27.60
C ASN A 253 -10.01 -22.89 27.16
N ARG A 254 -9.13 -22.12 26.53
CA ARG A 254 -9.45 -20.82 25.95
C ARG A 254 -8.46 -20.56 24.82
N CYS A 255 -8.73 -19.56 23.99
CA CYS A 255 -7.77 -19.19 22.94
C CYS A 255 -6.46 -18.71 23.55
N PRO A 256 -5.31 -19.20 23.04
CA PRO A 256 -4.00 -18.66 23.41
C PRO A 256 -4.02 -17.14 23.40
N GLU A 257 -3.48 -16.52 24.43
CA GLU A 257 -3.57 -15.08 24.62
C GLU A 257 -3.04 -14.27 23.44
N SER A 258 -2.03 -14.78 22.76
CA SER A 258 -1.38 -14.02 21.70
C SER A 258 -2.15 -14.00 20.37
N ILE A 259 -3.05 -14.97 20.17
CA ILE A 259 -3.74 -15.08 18.88
C ILE A 259 -4.82 -14.01 18.71
N ARG A 260 -4.69 -13.17 17.68
CA ARG A 260 -5.71 -12.15 17.46
C ARG A 260 -6.50 -12.38 16.17
N CYS A 261 -5.99 -13.22 15.30
N CYS A 261 -6.00 -13.25 15.31
CA CYS A 261 -6.70 -13.53 14.06
CA CYS A 261 -6.66 -13.51 14.03
C CYS A 261 -6.50 -14.98 13.64
C CYS A 261 -6.51 -14.96 13.59
N ILE A 262 -7.62 -15.65 13.42
CA ILE A 262 -7.62 -16.98 12.84
C ILE A 262 -8.32 -16.88 11.51
N LEU A 263 -7.56 -17.00 10.44
CA LEU A 263 -8.10 -16.83 9.09
C LEU A 263 -8.58 -18.18 8.61
N LEU A 264 -9.90 -18.34 8.58
CA LEU A 264 -10.52 -19.63 8.27
C LEU A 264 -10.91 -19.72 6.80
N GLY A 265 -10.32 -20.69 6.09
CA GLY A 265 -10.71 -21.00 4.73
C GLY A 265 -11.64 -22.21 4.66
N GLY A 266 -12.00 -22.65 3.46
CA GLY A 266 -12.88 -23.78 3.30
C GLY A 266 -14.37 -23.54 3.53
N GLY A 267 -14.81 -22.29 3.34
CA GLY A 267 -16.24 -22.02 3.41
C GLY A 267 -16.77 -21.73 4.80
N PRO A 268 -18.10 -21.56 4.90
CA PRO A 268 -18.74 -21.14 6.16
C PRO A 268 -18.52 -22.15 7.28
N ALA A 269 -18.38 -21.64 8.50
CA ALA A 269 -18.29 -22.48 9.67
C ALA A 269 -19.69 -22.80 10.17
N PRO A 270 -19.92 -24.05 10.58
CA PRO A 270 -21.21 -24.40 11.17
C PRO A 270 -21.46 -23.64 12.47
N LEU A 271 -22.72 -23.46 12.83
CA LEU A 271 -23.09 -22.66 13.99
C LEU A 271 -22.50 -23.19 15.30
N PRO A 272 -22.56 -24.53 15.50
CA PRO A 272 -21.95 -25.12 16.70
C PRO A 272 -20.48 -24.75 16.90
N LEU A 273 -19.72 -24.74 15.81
CA LEU A 273 -18.29 -24.40 15.85
C LEU A 273 -18.05 -22.93 16.18
N LEU A 274 -18.89 -22.07 15.61
CA LEU A 274 -18.81 -20.64 15.88
C LEU A 274 -19.22 -20.29 17.31
N GLU A 275 -20.16 -21.05 17.85
CA GLU A 275 -20.62 -20.79 19.21
C GLU A 275 -19.50 -21.14 20.17
N GLU A 276 -18.79 -22.22 19.85
CA GLU A 276 -17.65 -22.65 20.63
C GLU A 276 -16.53 -21.63 20.58
N CYS A 277 -16.29 -21.08 19.38
CA CYS A 277 -15.27 -20.04 19.21
C CYS A 277 -15.61 -18.81 20.06
N ARG A 278 -16.87 -18.41 20.05
CA ARG A 278 -17.31 -17.28 20.87
C ARG A 278 -17.01 -17.52 22.34
N GLU A 279 -17.37 -18.70 22.84
CA GLU A 279 -17.19 -18.97 24.27
C GLU A 279 -15.71 -18.98 24.65
N LYS A 280 -14.87 -19.53 23.78
CA LYS A 280 -13.47 -19.70 24.13
C LYS A 280 -12.59 -18.51 23.70
N GLY A 281 -13.24 -17.50 23.11
CA GLY A 281 -12.55 -16.32 22.64
C GLY A 281 -11.67 -16.51 21.41
N PHE A 282 -12.01 -17.44 20.52
CA PHE A 282 -11.27 -17.64 19.27
C PHE A 282 -11.72 -16.58 18.24
N PRO A 283 -10.80 -15.71 17.80
CA PRO A 283 -11.20 -14.66 16.85
C PRO A 283 -11.17 -15.17 15.41
N VAL A 284 -12.24 -15.83 15.00
CA VAL A 284 -12.27 -16.49 13.71
C VAL A 284 -12.80 -15.57 12.62
N PHE A 285 -11.96 -15.29 11.63
CA PHE A 285 -12.34 -14.58 10.42
C PHE A 285 -12.69 -15.55 9.32
N GLN A 286 -13.96 -15.64 8.95
CA GLN A 286 -14.35 -16.46 7.81
C GLN A 286 -14.07 -15.67 6.53
N SER A 287 -14.07 -16.36 5.40
CA SER A 287 -13.55 -15.75 4.19
C SER A 287 -14.01 -16.44 2.93
N TYR A 288 -13.75 -15.79 1.81
CA TYR A 288 -13.99 -16.37 0.51
C TYR A 288 -12.89 -15.88 -0.42
N GLY A 289 -12.42 -16.79 -1.25
CA GLY A 289 -11.34 -16.47 -2.15
C GLY A 289 -10.96 -17.71 -2.91
N MET A 290 -9.96 -17.57 -3.76
CA MET A 290 -9.58 -18.64 -4.64
C MET A 290 -8.21 -18.36 -5.18
N THR A 291 -7.66 -19.33 -5.89
CA THR A 291 -6.38 -19.19 -6.52
C THR A 291 -6.38 -17.95 -7.41
N GLU A 292 -7.50 -17.74 -8.09
CA GLU A 292 -7.65 -16.61 -9.02
C GLU A 292 -7.66 -15.23 -8.37
N THR A 293 -7.89 -15.15 -7.05
CA THR A 293 -7.87 -13.85 -6.36
C THR A 293 -6.66 -13.73 -5.42
N CYS A 294 -5.72 -14.66 -5.56
CA CYS A 294 -4.45 -14.67 -4.82
C CYS A 294 -4.64 -14.65 -3.31
N SER A 295 -5.68 -15.36 -2.88
CA SER A 295 -6.08 -15.70 -1.50
C SER A 295 -7.42 -14.98 -1.25
N GLN A 296 -7.72 -14.63 0.01
CA GLN A 296 -9.06 -14.14 0.31
C GLN A 296 -9.36 -12.81 -0.40
N ILE A 297 -10.60 -12.65 -0.85
CA ILE A 297 -11.04 -11.37 -1.42
C ILE A 297 -12.23 -10.83 -0.62
N VAL A 298 -12.81 -11.69 0.20
CA VAL A 298 -13.93 -11.34 1.06
C VAL A 298 -13.70 -11.95 2.45
N THR A 299 -13.95 -11.19 3.52
CA THR A 299 -13.79 -11.76 4.86
C THR A 299 -14.87 -11.25 5.82
N LEU A 300 -15.14 -12.05 6.85
CA LEU A 300 -16.16 -11.74 7.83
C LEU A 300 -15.54 -11.65 9.20
N SER A 301 -15.60 -10.47 9.81
CA SER A 301 -15.07 -10.26 11.17
C SER A 301 -15.79 -11.09 12.23
N PRO A 302 -15.07 -11.50 13.28
CA PRO A 302 -15.64 -12.32 14.36
C PRO A 302 -16.89 -11.72 14.98
N GLU A 303 -16.97 -10.39 15.05
CA GLU A 303 -18.12 -9.76 15.70
C GLU A 303 -19.42 -9.96 14.93
N PHE A 304 -19.33 -10.41 13.67
CA PHE A 304 -20.51 -10.65 12.86
C PHE A 304 -20.85 -12.11 12.68
N SER A 305 -20.03 -12.98 13.25
CA SER A 305 -20.11 -14.41 12.96
C SER A 305 -21.47 -15.01 13.32
N MET A 306 -22.07 -14.56 14.41
CA MET A 306 -23.37 -15.05 14.82
C MET A 306 -24.51 -14.47 13.99
N GLU A 307 -24.51 -13.16 13.77
CA GLU A 307 -25.65 -12.55 13.09
C GLU A 307 -25.62 -12.76 11.57
N LYS A 308 -24.43 -12.99 11.02
CA LYS A 308 -24.31 -13.26 9.59
C LYS A 308 -23.88 -14.69 9.34
N LEU A 309 -24.54 -15.62 10.03
CA LEU A 309 -24.27 -17.04 9.87
C LEU A 309 -24.32 -17.43 8.41
N GLY A 310 -23.29 -18.12 7.94
CA GLY A 310 -23.21 -18.56 6.57
C GLY A 310 -22.70 -17.53 5.58
N SER A 311 -22.40 -16.30 6.04
CA SER A 311 -21.85 -15.28 5.13
C SER A 311 -20.32 -15.33 5.00
N ALA A 312 -19.82 -15.07 3.78
CA ALA A 312 -18.38 -14.93 3.54
C ALA A 312 -17.87 -13.56 3.99
N GLY A 313 -18.76 -12.58 4.11
CA GLY A 313 -18.36 -11.26 4.59
C GLY A 313 -18.39 -10.17 3.53
N LYS A 314 -17.54 -9.16 3.69
CA LYS A 314 -17.45 -8.06 2.73
C LYS A 314 -16.10 -8.04 2.03
N PRO A 315 -16.06 -7.45 0.84
CA PRO A 315 -14.83 -7.37 0.06
C PRO A 315 -13.73 -6.59 0.78
N LEU A 316 -12.51 -7.00 0.57
CA LEU A 316 -11.40 -6.27 1.10
C LEU A 316 -11.29 -4.89 0.39
N PHE A 317 -10.62 -3.97 1.04
CA PHE A 317 -10.42 -2.65 0.49
C PHE A 317 -9.73 -2.75 -0.86
N SER A 318 -10.31 -2.06 -1.81
CA SER A 318 -9.94 -2.00 -3.22
C SER A 318 -10.58 -3.07 -4.07
N CYS A 319 -11.18 -4.07 -3.47
CA CYS A 319 -11.77 -5.17 -4.19
C CYS A 319 -13.29 -4.96 -4.31
N GLU A 320 -13.90 -5.57 -5.28
CA GLU A 320 -15.32 -5.47 -5.44
C GLU A 320 -15.96 -6.81 -5.84
N ILE A 321 -17.22 -6.95 -5.47
CA ILE A 321 -18.00 -8.09 -5.88
C ILE A 321 -19.37 -7.63 -6.39
N LYS A 322 -19.93 -8.40 -7.30
CA LYS A 322 -21.31 -8.18 -7.71
C LYS A 322 -21.94 -9.51 -8.05
N ILE A 323 -23.27 -9.51 -8.11
CA ILE A 323 -24.07 -10.68 -8.46
C ILE A 323 -24.79 -10.39 -9.78
N GLU A 324 -24.64 -11.26 -10.76
CA GLU A 324 -25.33 -11.07 -12.04
C GLU A 324 -26.05 -12.31 -12.51
N ARG A 325 -27.14 -12.09 -13.23
CA ARG A 325 -27.91 -13.18 -13.81
C ARG A 325 -28.23 -12.79 -15.24
N ASP A 326 -27.62 -13.50 -16.20
CA ASP A 326 -27.84 -13.23 -17.61
C ASP A 326 -27.37 -11.83 -17.99
N GLY A 327 -26.27 -11.39 -17.38
CA GLY A 327 -25.72 -10.09 -17.68
C GLY A 327 -26.42 -8.92 -17.02
N GLN A 328 -27.45 -9.21 -16.23
CA GLN A 328 -28.13 -8.16 -15.46
C GLN A 328 -27.75 -8.25 -13.97
N VAL A 329 -27.53 -7.10 -13.34
CA VAL A 329 -27.20 -7.12 -11.92
C VAL A 329 -28.44 -7.39 -11.06
N CYS A 330 -28.27 -8.22 -10.04
CA CYS A 330 -29.35 -8.66 -9.19
C CYS A 330 -29.62 -7.71 -8.01
N GLU A 331 -30.85 -7.75 -7.52
CA GLU A 331 -31.23 -7.06 -6.30
C GLU A 331 -30.67 -7.80 -5.09
N PRO A 332 -30.66 -7.15 -3.92
CA PRO A 332 -30.32 -7.84 -2.67
C PRO A 332 -31.20 -9.07 -2.52
N TYR A 333 -30.58 -10.17 -2.08
CA TYR A 333 -31.23 -11.47 -1.88
C TYR A 333 -31.51 -12.24 -3.18
N GLU A 334 -31.43 -11.57 -4.32
CA GLU A 334 -31.63 -12.28 -5.59
C GLU A 334 -30.37 -13.08 -5.99
N HIS A 335 -30.54 -14.36 -6.33
CA HIS A 335 -29.41 -15.24 -6.63
C HIS A 335 -28.85 -15.02 -8.04
N GLY A 336 -27.54 -15.17 -8.18
CA GLY A 336 -26.88 -15.01 -9.47
C GLY A 336 -25.43 -15.47 -9.39
N GLU A 337 -24.65 -15.26 -10.45
CA GLU A 337 -23.24 -15.62 -10.39
C GLU A 337 -22.42 -14.53 -9.68
N ILE A 338 -21.48 -14.97 -8.87
CA ILE A 338 -20.59 -14.07 -8.18
C ILE A 338 -19.48 -13.66 -9.13
N MET A 339 -19.27 -12.35 -9.25
CA MET A 339 -18.18 -11.84 -10.07
C MET A 339 -17.30 -10.94 -9.23
N VAL A 340 -16.00 -10.97 -9.50
CA VAL A 340 -15.06 -10.24 -8.64
C VAL A 340 -14.13 -9.38 -9.47
N LYS A 341 -13.66 -8.32 -8.82
CA LYS A 341 -12.85 -7.33 -9.50
C LYS A 341 -11.88 -6.75 -8.46
N GLY A 342 -10.65 -6.50 -8.87
CA GLY A 342 -9.69 -5.88 -7.95
C GLY A 342 -8.28 -6.12 -8.41
N PRO A 343 -7.31 -5.39 -7.82
CA PRO A 343 -5.90 -5.47 -8.22
C PRO A 343 -5.26 -6.78 -7.77
N ASN A 344 -5.93 -7.54 -6.89
CA ASN A 344 -5.46 -8.88 -6.51
C ASN A 344 -5.95 -9.99 -7.44
N VAL A 345 -6.90 -9.68 -8.31
CA VAL A 345 -7.47 -10.68 -9.20
C VAL A 345 -6.57 -10.96 -10.42
N MET A 346 -6.36 -12.23 -10.72
CA MET A 346 -5.52 -12.62 -11.86
C MET A 346 -5.98 -11.97 -13.16
N LYS A 347 -5.02 -11.74 -14.05
CA LYS A 347 -5.24 -11.12 -15.36
C LYS A 347 -5.79 -12.13 -16.36
N SER A 348 -5.24 -13.34 -16.32
CA SER A 348 -5.69 -14.39 -17.24
C SER A 348 -5.04 -15.71 -16.93
N TYR A 349 -5.64 -16.78 -17.46
CA TYR A 349 -5.07 -18.11 -17.43
C TYR A 349 -3.98 -18.24 -18.48
N PHE A 350 -2.98 -19.05 -18.19
CA PHE A 350 -1.88 -19.28 -19.12
C PHE A 350 -2.33 -20.19 -20.28
N ASN A 351 -2.24 -19.66 -21.50
CA ASN A 351 -2.53 -20.41 -22.72
C ASN A 351 -3.87 -21.14 -22.66
N ARG A 352 -4.92 -20.36 -22.42
CA ARG A 352 -6.29 -20.84 -22.37
C ARG A 352 -7.18 -19.77 -22.95
N GLU A 353 -7.02 -19.50 -24.25
CA GLU A 353 -7.69 -18.38 -24.89
C GLU A 353 -9.20 -18.44 -24.68
N SER A 354 -9.81 -19.61 -24.83
CA SER A 354 -11.26 -19.70 -24.71
C SER A 354 -11.70 -19.54 -23.25
N ALA A 355 -10.89 -20.03 -22.33
CA ALA A 355 -11.23 -19.91 -20.90
C ALA A 355 -11.18 -18.44 -20.47
N ASN A 356 -10.19 -17.71 -20.97
CA ASN A 356 -10.08 -16.29 -20.67
C ASN A 356 -11.24 -15.51 -21.26
N GLU A 357 -11.57 -15.82 -22.51
CA GLU A 357 -12.65 -15.17 -23.21
C GLU A 357 -13.97 -15.33 -22.46
N ALA A 358 -14.20 -16.52 -21.92
CA ALA A 358 -15.46 -16.82 -21.23
C ALA A 358 -15.49 -16.32 -19.78
N SER A 359 -14.33 -16.22 -19.14
CA SER A 359 -14.29 -15.96 -17.70
C SER A 359 -14.30 -14.48 -17.32
N PHE A 360 -13.94 -13.61 -18.25
CA PHE A 360 -13.85 -12.18 -17.96
C PHE A 360 -14.93 -11.37 -18.69
N GLN A 361 -15.53 -10.42 -17.98
CA GLN A 361 -16.48 -9.48 -18.57
C GLN A 361 -16.15 -8.07 -18.13
N ASN A 362 -15.60 -7.26 -19.03
CA ASN A 362 -15.27 -5.87 -18.73
C ASN A 362 -14.45 -5.67 -17.45
N GLY A 363 -13.41 -6.47 -17.26
CA GLY A 363 -12.56 -6.32 -16.09
C GLY A 363 -13.08 -7.00 -14.83
N TRP A 364 -14.19 -7.73 -14.96
CA TRP A 364 -14.70 -8.59 -13.89
C TRP A 364 -14.41 -10.07 -14.17
N LEU A 365 -14.02 -10.81 -13.13
CA LEU A 365 -13.85 -12.26 -13.27
C LEU A 365 -15.10 -12.99 -12.79
N LYS A 366 -15.55 -13.93 -13.60
CA LYS A 366 -16.66 -14.78 -13.16
C LYS A 366 -16.08 -15.94 -12.39
N THR A 367 -16.60 -16.15 -11.19
CA THR A 367 -16.01 -17.12 -10.27
C THR A 367 -16.45 -18.54 -10.55
N GLY A 368 -17.60 -18.68 -11.20
CA GLY A 368 -18.21 -19.98 -11.34
C GLY A 368 -19.05 -20.35 -10.12
N ASP A 369 -19.11 -19.44 -9.14
CA ASP A 369 -19.88 -19.65 -7.93
C ASP A 369 -21.21 -18.89 -8.01
N LEU A 370 -22.24 -19.45 -7.40
CA LEU A 370 -23.54 -18.77 -7.30
C LEU A 370 -23.73 -18.25 -5.88
N GLY A 371 -24.40 -17.11 -5.74
CA GLY A 371 -24.64 -16.54 -4.42
C GLY A 371 -25.56 -15.32 -4.43
N TYR A 372 -25.58 -14.58 -3.32
CA TYR A 372 -26.36 -13.36 -3.27
C TYR A 372 -25.78 -12.38 -2.25
N LEU A 373 -26.17 -11.12 -2.35
CA LEU A 373 -25.80 -10.11 -1.36
C LEU A 373 -27.01 -9.74 -0.54
N ASP A 374 -26.84 -9.55 0.76
CA ASP A 374 -27.96 -9.08 1.57
C ASP A 374 -28.02 -7.56 1.51
N ASN A 375 -28.98 -6.97 2.21
CA ASN A 375 -29.22 -5.53 2.06
C ASN A 375 -28.08 -4.69 2.60
N GLU A 376 -27.17 -5.31 3.33
CA GLU A 376 -26.02 -4.56 3.86
C GLU A 376 -24.73 -4.85 3.07
N GLY A 377 -24.83 -5.68 2.04
CA GLY A 377 -23.70 -5.97 1.18
C GLY A 377 -22.83 -7.17 1.59
N PHE A 378 -23.28 -7.93 2.59
CA PHE A 378 -22.58 -9.17 2.96
C PHE A 378 -22.85 -10.24 1.91
N LEU A 379 -21.81 -10.99 1.58
CA LEU A 379 -21.88 -12.02 0.56
C LEU A 379 -22.31 -13.36 1.15
N TYR A 380 -23.18 -14.06 0.42
CA TYR A 380 -23.56 -15.42 0.76
C TYR A 380 -23.28 -16.33 -0.43
N VAL A 381 -22.36 -17.28 -0.26
CA VAL A 381 -21.99 -18.18 -1.33
C VAL A 381 -22.82 -19.46 -1.25
N LEU A 382 -23.41 -19.87 -2.36
CA LEU A 382 -24.36 -20.98 -2.34
C LEU A 382 -23.80 -22.29 -2.86
N ASP A 383 -23.20 -22.25 -4.05
CA ASP A 383 -22.71 -23.46 -4.71
C ASP A 383 -21.97 -23.12 -5.98
N ARG A 384 -21.42 -24.16 -6.64
CA ARG A 384 -20.85 -24.01 -7.97
C ARG A 384 -21.96 -23.97 -9.03
N ARG A 385 -21.89 -23.02 -9.97
CA ARG A 385 -22.86 -22.93 -11.06
C ARG A 385 -23.00 -24.28 -11.79
N SER A 386 -21.89 -24.98 -11.96
CA SER A 386 -21.85 -26.23 -12.71
C SER A 386 -22.56 -27.39 -12.00
N ASP A 387 -22.75 -27.28 -10.69
CA ASP A 387 -23.41 -28.35 -9.94
C ASP A 387 -24.90 -28.11 -9.78
N LEU A 388 -25.38 -27.01 -10.34
CA LEU A 388 -26.78 -26.62 -10.22
C LEU A 388 -27.73 -27.68 -10.73
N ILE A 389 -28.80 -27.94 -9.97
CA ILE A 389 -29.87 -28.83 -10.40
C ILE A 389 -31.19 -28.07 -10.52
N ILE A 390 -31.85 -28.19 -11.67
CA ILE A 390 -33.13 -27.52 -11.87
C ILE A 390 -34.30 -28.50 -11.70
N SER A 391 -35.18 -28.18 -10.75
CA SER A 391 -36.34 -29.01 -10.48
C SER A 391 -37.62 -28.17 -10.49
N GLY A 392 -38.51 -28.49 -11.43
CA GLY A 392 -39.73 -27.73 -11.61
C GLY A 392 -39.48 -26.25 -11.78
N GLY A 393 -38.40 -25.92 -12.48
CA GLY A 393 -38.03 -24.53 -12.68
C GLY A 393 -37.34 -23.87 -11.49
N GLU A 394 -37.34 -24.53 -10.34
CA GLU A 394 -36.68 -24.01 -9.15
C GLU A 394 -35.23 -24.48 -9.06
N ASN A 395 -34.37 -23.64 -8.50
CA ASN A 395 -32.95 -23.97 -8.33
C ASN A 395 -32.69 -24.87 -7.13
N ILE A 396 -31.99 -25.97 -7.38
CA ILE A 396 -31.50 -26.82 -6.29
C ILE A 396 -29.98 -26.79 -6.27
N TYR A 397 -29.42 -26.30 -5.17
CA TYR A 397 -27.97 -26.28 -4.98
C TYR A 397 -27.59 -27.47 -4.14
N PRO A 398 -26.95 -28.48 -4.76
CA PRO A 398 -26.58 -29.74 -4.08
C PRO A 398 -25.77 -29.50 -2.80
N ALA A 399 -24.87 -28.52 -2.82
CA ALA A 399 -24.02 -28.24 -1.67
C ALA A 399 -24.85 -27.84 -0.45
N GLU A 400 -25.90 -27.05 -0.67
CA GLU A 400 -26.76 -26.64 0.44
C GLU A 400 -27.48 -27.85 1.02
N VAL A 401 -27.95 -28.75 0.15
CA VAL A 401 -28.66 -29.93 0.62
C VAL A 401 -27.68 -30.87 1.33
N GLU A 402 -26.48 -31.00 0.78
CA GLU A 402 -25.49 -31.90 1.36
C GLU A 402 -25.09 -31.40 2.76
N SER A 403 -24.95 -30.09 2.88
CA SER A 403 -24.57 -29.45 4.15
C SER A 403 -25.64 -29.68 5.22
N VAL A 404 -26.90 -29.58 4.82
CA VAL A 404 -27.99 -29.87 5.73
C VAL A 404 -27.88 -31.32 6.23
N LEU A 405 -27.77 -32.26 5.29
CA LEU A 405 -27.71 -33.68 5.64
C LEU A 405 -26.50 -33.98 6.53
N LEU A 406 -25.37 -33.34 6.24
CA LEU A 406 -24.14 -33.56 7.00
C LEU A 406 -24.23 -33.11 8.46
N SER A 407 -25.10 -32.12 8.72
CA SER A 407 -25.26 -31.58 10.07
C SER A 407 -26.01 -32.57 10.98
N HIS A 408 -26.68 -33.55 10.37
CA HIS A 408 -27.32 -34.63 11.11
C HIS A 408 -26.29 -35.59 11.70
N PRO A 409 -26.44 -35.93 12.98
CA PRO A 409 -25.44 -36.73 13.71
C PRO A 409 -25.13 -38.06 13.03
N ALA A 410 -26.18 -38.75 12.57
CA ALA A 410 -26.05 -40.02 11.86
C ALA A 410 -27.41 -40.69 11.75
N ALA A 412 -25.44 -38.75 9.47
CA ALA A 412 -24.73 -38.84 8.20
C ALA A 412 -23.26 -38.52 8.40
N GLU A 413 -22.40 -39.39 7.88
CA GLU A 413 -20.96 -39.14 7.92
C GLU A 413 -20.52 -38.43 6.64
N ALA A 414 -21.16 -38.79 5.53
CA ALA A 414 -20.87 -38.17 4.24
C ALA A 414 -22.15 -38.07 3.41
N GLY A 415 -22.20 -37.07 2.53
CA GLY A 415 -23.37 -36.86 1.70
C GLY A 415 -23.09 -36.23 0.35
N VAL A 416 -23.71 -36.77 -0.68
CA VAL A 416 -23.69 -36.17 -2.00
C VAL A 416 -25.07 -36.31 -2.65
N SER A 417 -25.53 -35.25 -3.30
CA SER A 417 -26.82 -35.30 -3.95
C SER A 417 -26.68 -34.99 -5.43
N GLY A 418 -27.40 -35.74 -6.24
CA GLY A 418 -27.38 -35.53 -7.69
C GLY A 418 -28.77 -35.40 -8.24
N ALA A 419 -28.88 -34.87 -9.45
CA ALA A 419 -30.15 -34.77 -10.13
C ALA A 419 -30.53 -36.09 -10.79
N GLU A 420 -31.72 -36.58 -10.48
CA GLU A 420 -32.26 -37.77 -11.12
C GLU A 420 -33.35 -37.37 -12.12
N ASP A 421 -33.44 -38.10 -13.23
CA ASP A 421 -34.47 -37.84 -14.22
C ASP A 421 -35.86 -38.01 -13.63
N LYS A 422 -36.76 -37.09 -13.96
CA LYS A 422 -38.16 -37.17 -13.53
C LYS A 422 -39.03 -36.35 -14.48
N LYS A 423 -40.32 -36.67 -14.53
CA LYS A 423 -41.25 -35.95 -15.41
C LYS A 423 -42.48 -35.50 -14.64
N GLY A 425 -38.78 -31.73 -13.72
CA GLY A 425 -37.88 -32.22 -14.76
C GLY A 425 -36.71 -33.01 -14.20
N LYS A 426 -36.35 -32.71 -12.95
CA LYS A 426 -35.33 -33.46 -12.24
C LYS A 426 -35.61 -33.38 -10.75
N VAL A 427 -35.30 -34.44 -10.01
CA VAL A 427 -35.47 -34.40 -8.56
C VAL A 427 -34.18 -34.78 -7.87
N PRO A 428 -33.94 -34.20 -6.67
CA PRO A 428 -32.72 -34.52 -5.94
C PRO A 428 -32.77 -35.89 -5.27
N HIS A 429 -31.76 -36.70 -5.53
CA HIS A 429 -31.52 -37.94 -4.79
C HIS A 429 -30.32 -37.71 -3.87
N ALA A 430 -30.36 -38.32 -2.68
CA ALA A 430 -29.26 -38.19 -1.73
C ALA A 430 -28.51 -39.51 -1.54
N TYR A 431 -27.18 -39.42 -1.57
CA TYR A 431 -26.32 -40.58 -1.37
C TYR A 431 -25.47 -40.34 -0.15
N LEU A 432 -25.60 -41.20 0.85
CA LEU A 432 -24.99 -40.97 2.16
C LEU A 432 -23.95 -42.01 2.51
N HIS A 435 -22.44 -43.27 9.65
CA HIS A 435 -21.96 -43.36 11.03
C HIS A 435 -22.84 -44.31 11.85
N LYS A 436 -24.13 -44.31 11.55
CA LYS A 436 -25.09 -45.18 12.23
C LYS A 436 -26.40 -45.17 11.44
N PRO A 437 -27.24 -46.20 11.65
CA PRO A 437 -28.52 -46.28 10.93
C PRO A 437 -29.45 -45.10 11.23
N VAL A 438 -30.26 -44.74 10.24
CA VAL A 438 -31.25 -43.67 10.37
C VAL A 438 -32.27 -43.81 9.25
N SER A 439 -33.55 -43.67 9.60
CA SER A 439 -34.64 -43.91 8.64
C SER A 439 -34.83 -42.79 7.63
N ALA A 440 -35.43 -43.14 6.49
CA ALA A 440 -35.77 -42.16 5.46
C ALA A 440 -36.79 -41.15 5.99
N GLY A 441 -37.65 -41.60 6.90
CA GLY A 441 -38.64 -40.73 7.52
C GLY A 441 -37.99 -39.68 8.39
N GLU A 442 -37.02 -40.10 9.20
CA GLU A 442 -36.30 -39.19 10.09
C GLU A 442 -35.54 -38.13 9.28
N LEU A 443 -34.86 -38.56 8.21
CA LEU A 443 -34.09 -37.65 7.36
C LEU A 443 -34.98 -36.62 6.67
N THR A 444 -36.15 -37.07 6.26
CA THR A 444 -37.11 -36.23 5.55
C THR A 444 -37.63 -35.13 6.46
N ASP A 445 -38.07 -35.51 7.65
CA ASP A 445 -38.47 -34.54 8.68
C ASP A 445 -37.35 -33.53 8.92
N TYR A 446 -36.13 -34.05 9.07
CA TYR A 446 -34.97 -33.21 9.32
C TYR A 446 -34.81 -32.16 8.23
N CYS A 447 -34.90 -32.60 6.98
CA CYS A 447 -34.68 -31.71 5.84
C CYS A 447 -35.82 -30.70 5.64
N LYS A 448 -37.05 -31.14 5.90
CA LYS A 448 -38.23 -30.30 5.73
C LYS A 448 -38.18 -29.07 6.63
N GLU A 449 -37.57 -29.24 7.80
CA GLU A 449 -37.39 -28.13 8.73
C GLU A 449 -36.41 -27.11 8.14
N ARG A 450 -35.42 -27.60 7.40
CA ARG A 450 -34.27 -26.78 7.01
C ARG A 450 -34.22 -26.41 5.52
N LEU A 451 -35.09 -27.02 4.70
CA LEU A 451 -35.06 -26.82 3.26
C LEU A 451 -36.45 -26.63 2.65
N ALA A 452 -36.55 -25.70 1.70
CA ALA A 452 -37.73 -25.57 0.85
C ALA A 452 -38.10 -26.94 0.28
N LYS A 453 -39.41 -27.21 0.16
CA LYS A 453 -39.92 -28.53 -0.19
C LYS A 453 -39.26 -29.17 -1.42
N TYR A 454 -38.98 -28.39 -2.45
CA TYR A 454 -38.46 -28.97 -3.68
C TYR A 454 -36.98 -29.36 -3.57
N LYS A 455 -36.32 -28.95 -2.49
CA LYS A 455 -34.92 -29.30 -2.28
C LYS A 455 -34.76 -30.59 -1.47
N ILE A 456 -35.85 -31.03 -0.83
CA ILE A 456 -35.81 -32.26 -0.05
C ILE A 456 -35.59 -33.46 -0.98
N PRO A 457 -34.60 -34.31 -0.66
CA PRO A 457 -34.32 -35.47 -1.51
C PRO A 457 -35.53 -36.38 -1.68
N ALA A 458 -35.84 -36.75 -2.92
CA ALA A 458 -36.95 -37.64 -3.22
C ALA A 458 -36.65 -39.07 -2.78
N LYS A 459 -35.39 -39.49 -2.91
CA LYS A 459 -34.97 -40.82 -2.49
C LYS A 459 -33.63 -40.76 -1.77
N PHE A 460 -33.41 -41.69 -0.86
CA PHE A 460 -32.15 -41.78 -0.14
C PHE A 460 -31.43 -43.10 -0.45
N PHE A 461 -30.10 -43.05 -0.52
CA PHE A 461 -29.30 -44.24 -0.71
C PHE A 461 -28.13 -44.27 0.27
N VAL A 462 -27.92 -45.41 0.93
CA VAL A 462 -26.80 -45.57 1.84
C VAL A 462 -25.69 -46.37 1.16
N LEU A 463 -24.46 -45.87 1.25
CA LEU A 463 -23.32 -46.52 0.61
C LEU A 463 -22.15 -46.67 1.57
N ASP A 464 -21.12 -47.40 1.15
CA ASP A 464 -19.94 -47.61 1.97
C ASP A 464 -18.98 -46.43 1.87
N ARG A 465 -18.99 -45.74 0.74
CA ARG A 465 -18.18 -44.54 0.54
C ARG A 465 -18.58 -43.80 -0.74
N THR B 5 -5.20 0.30 -12.65
CA THR B 5 -5.81 1.38 -13.43
C THR B 5 -6.82 2.17 -12.59
N GLU B 6 -7.74 1.48 -11.93
CA GLU B 6 -8.77 2.17 -11.13
C GLU B 6 -9.10 1.48 -9.82
N GLN B 7 -9.56 2.26 -8.83
CA GLN B 7 -10.07 1.70 -7.58
C GLN B 7 -11.42 2.33 -7.25
N PRO B 8 -12.28 1.59 -6.54
CA PRO B 8 -13.53 2.23 -6.07
C PRO B 8 -13.18 3.46 -5.23
N ASN B 9 -13.97 4.52 -5.35
CA ASN B 9 -13.78 5.72 -4.56
C ASN B 9 -13.63 5.34 -3.07
N TRP B 10 -12.57 5.83 -2.44
CA TRP B 10 -12.20 5.34 -1.10
C TRP B 10 -13.23 5.62 -0.02
N LEU B 11 -13.88 6.78 -0.11
CA LEU B 11 -14.87 7.18 0.89
C LEU B 11 -16.14 6.36 0.71
N MET B 12 -16.54 6.20 -0.55
CA MET B 12 -17.69 5.35 -0.86
C MET B 12 -17.44 3.93 -0.33
N GLN B 13 -16.30 3.35 -0.68
CA GLN B 13 -16.05 1.97 -0.22
C GLN B 13 -15.91 1.91 1.30
N ARG B 14 -15.22 2.87 1.90
CA ARG B 14 -15.09 2.88 3.35
C ARG B 14 -16.46 2.95 4.02
N ALA B 15 -17.34 3.80 3.49
CA ALA B 15 -18.69 3.89 4.04
C ALA B 15 -19.47 2.58 3.88
N GLN B 16 -19.21 1.84 2.80
CA GLN B 16 -19.82 0.52 2.59
C GLN B 16 -19.29 -0.54 3.56
N LEU B 17 -17.99 -0.48 3.84
CA LEU B 17 -17.31 -1.49 4.68
C LEU B 17 -17.55 -1.30 6.17
N THR B 18 -17.29 -0.09 6.66
CA THR B 18 -17.45 0.24 8.08
C THR B 18 -18.20 1.57 8.27
N PRO B 19 -19.52 1.56 8.01
CA PRO B 19 -20.32 2.80 8.02
C PRO B 19 -20.34 3.51 9.36
N GLU B 20 -20.25 2.77 10.46
CA GLU B 20 -20.46 3.35 11.79
C GLU B 20 -19.16 3.73 12.49
N ARG B 21 -18.01 3.36 11.92
CA ARG B 21 -16.77 3.84 12.51
C ARG B 21 -16.74 5.36 12.43
N ILE B 22 -16.08 6.01 13.38
CA ILE B 22 -16.00 7.46 13.36
C ILE B 22 -14.90 7.97 12.41
N ALA B 23 -15.30 8.80 11.45
CA ALA B 23 -14.35 9.37 10.50
C ALA B 23 -13.69 10.62 11.04
N LEU B 24 -14.50 11.46 11.67
CA LEU B 24 -14.02 12.76 12.11
C LEU B 24 -14.57 13.10 13.46
N ILE B 25 -13.69 13.60 14.31
CA ILE B 25 -14.09 14.27 15.53
C ILE B 25 -13.65 15.71 15.42
N TYR B 26 -14.63 16.61 15.42
CA TYR B 26 -14.38 18.03 15.23
C TYR B 26 -15.26 18.84 16.17
N GLU B 27 -14.64 19.69 16.97
CA GLU B 27 -15.33 20.38 18.08
C GLU B 27 -16.22 19.39 18.83
N ASP B 28 -15.66 18.22 19.10
CA ASP B 28 -16.34 17.20 19.88
C ASP B 28 -17.67 16.70 19.25
N GLN B 29 -17.94 17.08 18.00
CA GLN B 29 -19.02 16.46 17.23
C GLN B 29 -18.43 15.26 16.48
N THR B 30 -19.19 14.19 16.36
CA THR B 30 -18.67 12.98 15.73
C THR B 30 -19.27 12.82 14.35
N VAL B 31 -18.46 12.42 13.38
CA VAL B 31 -18.97 12.13 12.05
C VAL B 31 -18.54 10.72 11.63
N THR B 32 -19.49 9.84 11.41
CA THR B 32 -19.20 8.48 10.94
C THR B 32 -18.83 8.48 9.48
N PHE B 33 -18.22 7.40 9.01
CA PHE B 33 -17.89 7.31 7.60
C PHE B 33 -19.17 7.37 6.75
N ALA B 34 -20.26 6.75 7.21
CA ALA B 34 -21.51 6.83 6.46
C ALA B 34 -22.01 8.28 6.38
N GLU B 35 -21.94 9.01 7.49
CA GLU B 35 -22.30 10.42 7.49
C GLU B 35 -21.38 11.26 6.60
N LEU B 36 -20.10 10.92 6.58
CA LEU B 36 -19.14 11.68 5.80
C LEU B 36 -19.44 11.46 4.32
N PHE B 37 -19.72 10.22 3.94
CA PHE B 37 -20.11 9.95 2.56
C PHE B 37 -21.39 10.70 2.19
N ALA B 38 -22.41 10.64 3.05
CA ALA B 38 -23.67 11.35 2.78
C ALA B 38 -23.47 12.85 2.59
N ALA B 39 -22.70 13.46 3.48
CA ALA B 39 -22.45 14.90 3.38
C ALA B 39 -21.68 15.26 2.11
N SER B 40 -20.68 14.46 1.77
CA SER B 40 -19.85 14.73 0.62
C SER B 40 -20.65 14.55 -0.67
N LYS B 41 -21.49 13.53 -0.70
CA LYS B 41 -22.34 13.29 -1.88
C LYS B 41 -23.34 14.43 -2.04
N ARG B 42 -23.93 14.88 -0.94
CA ARG B 42 -24.88 15.98 -1.01
C ARG B 42 -24.17 17.25 -1.46
N MET B 43 -22.98 17.52 -0.93
CA MET B 43 -22.25 18.71 -1.40
C MET B 43 -21.92 18.60 -2.89
N ALA B 44 -21.60 17.39 -3.34
CA ALA B 44 -21.28 17.20 -4.76
C ALA B 44 -22.50 17.53 -5.61
N GLU B 45 -23.66 17.07 -5.16
CA GLU B 45 -24.92 17.35 -5.83
C GLU B 45 -25.20 18.85 -5.86
N GLN B 46 -24.93 19.53 -4.76
CA GLN B 46 -25.13 20.97 -4.70
C GLN B 46 -24.14 21.70 -5.63
N LEU B 47 -22.90 21.19 -5.74
CA LEU B 47 -21.92 21.79 -6.64
C LEU B 47 -22.31 21.62 -8.12
N ALA B 48 -22.74 20.42 -8.48
CA ALA B 48 -23.20 20.18 -9.85
C ALA B 48 -24.33 21.15 -10.20
N ALA B 49 -25.19 21.42 -9.23
CA ALA B 49 -26.31 22.33 -9.44
C ALA B 49 -25.81 23.73 -9.76
N HIS B 50 -24.60 24.04 -9.28
CA HIS B 50 -23.97 25.32 -9.59
C HIS B 50 -23.06 25.22 -10.82
N SER B 51 -23.26 24.18 -11.62
CA SER B 51 -22.65 24.02 -12.94
C SER B 51 -21.21 23.45 -12.90
N VAL B 52 -20.80 22.94 -11.76
CA VAL B 52 -19.52 22.24 -11.68
C VAL B 52 -19.68 20.91 -12.39
N ARG B 53 -18.72 20.57 -13.23
CA ARG B 53 -18.80 19.34 -14.04
C ARG B 53 -17.51 18.51 -13.99
N LYS B 54 -17.64 17.23 -14.24
CA LYS B 54 -16.49 16.33 -14.33
C LYS B 54 -15.42 16.93 -15.22
N GLY B 55 -14.16 16.87 -14.78
CA GLY B 55 -13.06 17.45 -15.53
C GLY B 55 -12.75 18.90 -15.19
N ASP B 56 -13.62 19.57 -14.45
CA ASP B 56 -13.31 20.93 -14.03
C ASP B 56 -12.23 20.93 -12.95
N THR B 57 -11.74 22.12 -12.61
CA THR B 57 -10.79 22.32 -11.51
C THR B 57 -11.39 23.32 -10.53
N ALA B 58 -11.46 22.94 -9.25
CA ALA B 58 -12.03 23.82 -8.23
C ALA B 58 -11.04 24.07 -7.11
N ALA B 59 -10.84 25.33 -6.77
CA ALA B 59 -9.94 25.69 -5.69
C ALA B 59 -10.70 25.71 -4.38
N ILE B 60 -10.02 25.34 -3.32
CA ILE B 60 -10.61 25.35 -2.00
C ILE B 60 -9.82 26.27 -1.12
N LEU B 61 -10.52 27.21 -0.50
CA LEU B 61 -9.90 28.19 0.38
C LEU B 61 -10.66 28.22 1.70
N LEU B 62 -10.20 27.40 2.64
CA LEU B 62 -10.89 27.19 3.91
C LEU B 62 -9.93 26.93 5.05
N GLN B 63 -10.30 27.37 6.25
CA GLN B 63 -9.63 26.92 7.46
C GLN B 63 -10.12 25.49 7.78
N ASN B 64 -9.37 24.77 8.61
CA ASN B 64 -9.78 23.44 9.05
C ASN B 64 -11.19 23.43 9.64
N ARG B 65 -12.08 22.68 9.01
CA ARG B 65 -13.41 22.45 9.56
C ARG B 65 -13.99 21.24 8.83
N ALA B 66 -15.04 20.65 9.38
CA ALA B 66 -15.63 19.47 8.76
C ALA B 66 -15.97 19.75 7.31
N GLU B 67 -16.50 20.94 7.03
CA GLU B 67 -16.93 21.28 5.67
C GLU B 67 -15.77 21.24 4.66
N MET B 68 -14.55 21.41 5.15
CA MET B 68 -13.42 21.34 4.25
C MET B 68 -13.18 19.88 3.84
N VAL B 69 -13.33 18.98 4.79
CA VAL B 69 -13.27 17.57 4.45
C VAL B 69 -14.36 17.19 3.44
N TYR B 70 -15.60 17.63 3.68
CA TYR B 70 -16.66 17.38 2.72
C TYR B 70 -16.30 17.89 1.33
N ALA B 71 -15.69 19.07 1.29
CA ALA B 71 -15.39 19.73 0.02
C ALA B 71 -14.36 18.93 -0.78
N VAL B 72 -13.32 18.42 -0.13
CA VAL B 72 -12.33 17.64 -0.86
C VAL B 72 -12.94 16.36 -1.44
N HIS B 73 -13.66 15.61 -0.61
CA HIS B 73 -14.34 14.41 -1.08
C HIS B 73 -15.43 14.68 -2.10
N ALA B 74 -16.13 15.81 -1.98
CA ALA B 74 -17.15 16.15 -2.98
C ALA B 74 -16.51 16.32 -4.37
N CYS B 75 -15.35 16.96 -4.41
CA CYS B 75 -14.62 17.10 -5.66
C CYS B 75 -14.28 15.75 -6.31
N PHE B 76 -13.76 14.81 -5.52
CA PHE B 76 -13.45 13.48 -6.03
C PHE B 76 -14.70 12.83 -6.63
N LEU B 77 -15.82 12.99 -5.92
CA LEU B 77 -17.06 12.33 -6.30
C LEU B 77 -17.65 12.94 -7.57
N LEU B 78 -17.27 14.17 -7.88
CA LEU B 78 -17.68 14.80 -9.13
C LEU B 78 -16.65 14.59 -10.25
N GLY B 79 -15.46 14.12 -9.92
CA GLY B 79 -14.41 13.98 -10.92
C GLY B 79 -13.77 15.33 -11.21
N VAL B 80 -13.69 16.14 -10.17
CA VAL B 80 -13.11 17.49 -10.22
C VAL B 80 -11.75 17.54 -9.53
N LYS B 81 -10.74 18.12 -10.18
CA LYS B 81 -9.42 18.30 -9.56
C LYS B 81 -9.51 19.38 -8.49
N ALA B 82 -8.97 19.09 -7.31
CA ALA B 82 -9.06 19.99 -6.17
C ALA B 82 -7.74 20.72 -5.93
N VAL B 83 -7.79 22.05 -5.99
CA VAL B 83 -6.62 22.87 -5.68
C VAL B 83 -6.71 23.38 -4.24
N LEU B 84 -5.79 22.95 -3.39
CA LEU B 84 -5.88 23.35 -1.99
C LEU B 84 -5.03 24.59 -1.77
N LEU B 85 -5.68 25.72 -1.48
CA LEU B 85 -4.96 26.98 -1.34
C LEU B 85 -4.57 27.30 0.10
N ASN B 86 -3.32 27.73 0.25
CA ASN B 86 -2.77 28.25 1.49
C ASN B 86 -3.48 29.54 1.89
N THR B 87 -4.22 29.50 3.00
CA THR B 87 -5.01 30.67 3.41
C THR B 87 -4.17 31.84 3.88
N LYS B 88 -2.89 31.60 4.14
CA LYS B 88 -2.01 32.67 4.63
C LYS B 88 -1.43 33.45 3.46
N LEU B 89 -1.58 32.91 2.25
CA LEU B 89 -1.05 33.61 1.09
C LEU B 89 -1.75 34.95 0.91
N SER B 90 -1.02 35.93 0.37
CA SER B 90 -1.58 37.23 0.03
C SER B 90 -2.60 37.13 -1.09
N THR B 91 -3.36 38.20 -1.27
CA THR B 91 -4.33 38.30 -2.34
C THR B 91 -3.68 38.08 -3.71
N HIS B 92 -2.54 38.73 -3.96
CA HIS B 92 -1.85 38.57 -5.24
C HIS B 92 -1.29 37.15 -5.46
N GLU B 93 -0.73 36.56 -4.41
CA GLU B 93 -0.31 35.16 -4.49
C GLU B 93 -1.50 34.23 -4.78
N ARG B 94 -2.64 34.46 -4.12
CA ARG B 94 -3.81 33.62 -4.36
C ARG B 94 -4.26 33.74 -5.80
N LEU B 95 -4.32 34.99 -6.27
CA LEU B 95 -4.71 35.28 -7.65
C LEU B 95 -3.81 34.56 -8.65
N PHE B 96 -2.50 34.60 -8.42
CA PHE B 96 -1.59 33.86 -9.29
C PHE B 96 -1.90 32.36 -9.34
N GLN B 97 -2.12 31.74 -8.18
CA GLN B 97 -2.31 30.29 -8.16
C GLN B 97 -3.67 29.90 -8.74
N LEU B 98 -4.67 30.76 -8.57
CA LEU B 98 -5.99 30.46 -9.16
C LEU B 98 -5.89 30.45 -10.67
N GLU B 99 -5.15 31.41 -11.22
CA GLU B 99 -5.03 31.52 -12.66
C GLU B 99 -4.10 30.43 -13.20
N ASP B 100 -2.95 30.26 -12.57
CA ASP B 100 -1.99 29.24 -13.01
C ASP B 100 -2.60 27.83 -12.97
N SER B 101 -3.45 27.55 -11.99
CA SER B 101 -4.02 26.20 -11.83
C SER B 101 -5.13 25.88 -12.80
N GLY B 102 -5.65 26.90 -13.47
CA GLY B 102 -6.75 26.70 -14.37
C GLY B 102 -8.06 26.44 -13.63
N SER B 103 -8.12 26.89 -12.39
CA SER B 103 -9.35 26.76 -11.61
C SER B 103 -10.50 27.50 -12.30
N GLY B 104 -11.68 26.89 -12.30
CA GLY B 104 -12.87 27.56 -12.80
C GLY B 104 -13.76 28.00 -11.64
N PHE B 105 -13.50 27.44 -10.46
CA PHE B 105 -14.32 27.70 -9.29
C PHE B 105 -13.49 27.88 -8.04
N LEU B 106 -14.04 28.60 -7.08
CA LEU B 106 -13.40 28.75 -5.79
C LEU B 106 -14.42 28.43 -4.70
N LEU B 107 -14.15 27.40 -3.91
CA LEU B 107 -15.02 27.03 -2.78
C LEU B 107 -14.46 27.64 -1.50
N THR B 108 -15.23 28.52 -0.87
CA THR B 108 -14.72 29.20 0.31
C THR B 108 -15.87 29.50 1.28
N ASP B 109 -15.63 30.37 2.25
CA ASP B 109 -16.72 30.76 3.16
C ASP B 109 -16.63 32.27 3.45
N SER B 110 -17.55 32.77 4.25
CA SER B 110 -17.69 34.21 4.48
C SER B 110 -16.55 34.80 5.30
N SER B 111 -15.62 33.97 5.75
CA SER B 111 -14.46 34.49 6.46
C SER B 111 -13.40 34.99 5.46
N PHE B 112 -13.59 34.69 4.18
CA PHE B 112 -12.70 35.14 3.12
C PHE B 112 -13.43 36.12 2.20
N GLU B 113 -12.68 36.90 1.43
CA GLU B 113 -13.29 37.91 0.56
C GLU B 113 -13.45 37.39 -0.86
N LYS B 114 -14.48 36.58 -1.09
CA LYS B 114 -14.61 35.89 -2.36
C LYS B 114 -14.71 36.85 -3.55
N LYS B 115 -15.24 38.06 -3.32
CA LYS B 115 -15.49 38.98 -4.42
C LYS B 115 -14.19 39.32 -5.17
N GLU B 116 -13.06 39.29 -4.48
CA GLU B 116 -11.83 39.74 -5.14
C GLU B 116 -11.26 38.69 -6.09
N TYR B 117 -11.91 37.52 -6.18
CA TYR B 117 -11.48 36.47 -7.10
C TYR B 117 -12.47 36.26 -8.25
N GLU B 118 -13.60 36.94 -8.23
CA GLU B 118 -14.70 36.59 -9.13
C GLU B 118 -14.43 36.95 -10.60
N HIS B 119 -13.37 37.71 -10.85
CA HIS B 119 -12.97 37.99 -12.23
C HIS B 119 -12.20 36.82 -12.81
N ILE B 120 -11.82 35.86 -11.97
CA ILE B 120 -11.07 34.70 -12.44
C ILE B 120 -11.89 33.41 -12.33
N VAL B 121 -12.73 33.33 -11.32
CA VAL B 121 -13.43 32.10 -11.02
C VAL B 121 -14.84 32.41 -10.56
N GLN B 122 -15.73 31.44 -10.72
CA GLN B 122 -17.03 31.49 -10.07
C GLN B 122 -16.81 31.11 -8.60
N THR B 123 -17.35 31.90 -7.68
CA THR B 123 -17.11 31.64 -6.27
C THR B 123 -18.34 30.99 -5.65
N ILE B 124 -18.10 30.08 -4.71
CA ILE B 124 -19.15 29.32 -4.06
C ILE B 124 -18.95 29.35 -2.54
N ASP B 125 -19.97 29.77 -1.80
CA ASP B 125 -19.88 29.77 -0.33
C ASP B 125 -20.38 28.42 0.18
N VAL B 126 -19.51 27.70 0.89
CA VAL B 126 -19.84 26.33 1.29
C VAL B 126 -21.00 26.24 2.28
N ASP B 127 -21.14 27.22 3.17
CA ASP B 127 -22.19 27.17 4.18
C ASP B 127 -23.56 27.43 3.55
N GLU B 128 -23.64 28.45 2.69
CA GLU B 128 -24.86 28.68 1.92
C GLU B 128 -25.17 27.45 1.06
N LEU B 129 -24.13 26.88 0.49
CA LEU B 129 -24.29 25.75 -0.42
C LEU B 129 -24.98 24.56 0.23
N MET B 130 -24.57 24.22 1.45
CA MET B 130 -25.08 23.03 2.12
C MET B 130 -26.54 23.11 2.57
N LYS B 131 -27.13 24.29 2.52
CA LYS B 131 -28.54 24.43 2.88
C LYS B 131 -29.45 24.07 1.70
N GLU B 132 -28.90 24.07 0.49
CA GLU B 132 -29.70 24.03 -0.71
C GLU B 132 -30.20 22.65 -1.09
N ALA B 133 -31.42 22.60 -1.63
CA ALA B 133 -31.89 21.39 -2.28
C ALA B 133 -31.21 21.29 -3.64
N ALA B 134 -30.99 20.08 -4.11
CA ALA B 134 -30.40 19.86 -5.42
C ALA B 134 -30.74 18.46 -5.89
N GLU B 135 -30.89 18.30 -7.20
CA GLU B 135 -31.22 17.00 -7.78
C GLU B 135 -30.08 16.01 -7.55
N GLU B 136 -30.43 14.76 -7.28
CA GLU B 136 -29.42 13.73 -7.05
C GLU B 136 -28.65 13.45 -8.33
N ILE B 137 -27.39 13.06 -8.16
CA ILE B 137 -26.52 12.73 -9.27
C ILE B 137 -26.00 11.32 -9.10
N GLU B 138 -25.43 10.77 -10.16
CA GLU B 138 -24.62 9.56 -10.04
C GLU B 138 -23.17 10.00 -9.81
N ILE B 139 -22.61 9.62 -8.66
CA ILE B 139 -21.23 10.00 -8.37
C ILE B 139 -20.28 9.24 -9.26
N GLU B 140 -19.04 9.71 -9.32
CA GLU B 140 -17.95 8.93 -9.88
C GLU B 140 -17.56 7.84 -8.88
N ALA B 141 -17.91 6.61 -9.20
CA ALA B 141 -17.71 5.48 -8.30
C ALA B 141 -16.27 4.99 -8.29
N TYR B 142 -15.49 5.41 -9.29
CA TYR B 142 -14.10 4.98 -9.42
C TYR B 142 -13.13 6.15 -9.39
N MET B 143 -11.97 5.91 -8.82
CA MET B 143 -10.82 6.83 -8.87
C MET B 143 -9.83 6.22 -9.83
N GLN B 144 -9.46 6.96 -10.88
CA GLN B 144 -8.39 6.49 -11.79
C GLN B 144 -7.03 6.72 -11.14
N MET B 145 -6.23 5.66 -11.02
CA MET B 145 -5.00 5.75 -10.26
C MET B 145 -4.04 6.80 -10.82
N ASP B 146 -4.02 6.94 -12.14
CA ASP B 146 -3.10 7.86 -12.82
C ASP B 146 -3.66 9.29 -12.93
N ALA B 147 -4.88 9.49 -12.50
CA ALA B 147 -5.52 10.80 -12.66
C ALA B 147 -5.11 11.75 -11.54
N THR B 148 -4.98 13.03 -11.87
CA THR B 148 -4.66 14.03 -10.86
C THR B 148 -5.83 14.19 -9.92
N ALA B 149 -5.56 14.01 -8.65
CA ALA B 149 -6.59 14.17 -7.64
C ALA B 149 -6.56 15.58 -7.10
N THR B 150 -5.37 16.05 -6.74
CA THR B 150 -5.21 17.35 -6.08
C THR B 150 -4.03 18.08 -6.68
N LEU B 151 -4.11 19.41 -6.66
CA LEU B 151 -3.01 20.24 -7.09
C LEU B 151 -2.60 21.04 -5.85
N MET B 152 -1.31 21.06 -5.55
CA MET B 152 -0.82 21.74 -4.36
C MET B 152 0.44 22.52 -4.74
N TYR B 153 0.49 23.79 -4.38
CA TYR B 153 1.60 24.65 -4.81
C TYR B 153 2.79 24.59 -3.88
N THR B 154 3.97 24.63 -4.48
CA THR B 154 5.20 24.78 -3.72
C THR B 154 5.34 26.20 -3.17
N SER B 155 6.36 26.40 -2.33
CA SER B 155 6.68 27.71 -1.80
C SER B 155 7.29 28.63 -2.86
N LYS B 160 8.67 31.23 -9.24
CA LYS B 160 7.22 31.06 -9.23
C LYS B 160 6.81 29.78 -8.54
N PRO B 161 5.83 29.85 -7.63
CA PRO B 161 5.31 28.60 -7.09
C PRO B 161 4.86 27.67 -8.22
N LYS B 162 5.09 26.37 -8.03
CA LYS B 162 4.77 25.34 -9.03
C LYS B 162 3.64 24.47 -8.50
N GLY B 163 2.68 24.13 -9.37
CA GLY B 163 1.56 23.29 -8.98
C GLY B 163 1.92 21.81 -9.08
N VAL B 164 2.02 21.17 -7.92
CA VAL B 164 2.34 19.74 -7.88
C VAL B 164 1.10 18.91 -8.20
N GLN B 165 1.15 18.11 -9.27
CA GLN B 165 0.03 17.23 -9.59
C GLN B 165 0.13 15.92 -8.83
N GLN B 166 -0.80 15.71 -7.91
CA GLN B 166 -0.80 14.54 -7.04
C GLN B 166 -1.94 13.62 -7.47
N THR B 167 -1.60 12.38 -7.86
CA THR B 167 -2.61 11.47 -8.39
C THR B 167 -3.26 10.69 -7.27
N PHE B 168 -4.39 10.05 -7.56
CA PHE B 168 -5.01 9.14 -6.59
C PHE B 168 -4.03 8.02 -6.22
N GLY B 169 -3.32 7.49 -7.21
CA GLY B 169 -2.28 6.50 -6.95
C GLY B 169 -1.22 6.99 -6.00
N ASN B 170 -0.73 8.22 -6.20
CA ASN B 170 0.22 8.81 -5.28
C ASN B 170 -0.29 8.79 -3.84
N HIS B 171 -1.50 9.27 -3.64
CA HIS B 171 -2.03 9.38 -2.30
C HIS B 171 -2.23 7.99 -1.70
N TYR B 172 -2.71 7.06 -2.51
CA TYR B 172 -2.93 5.70 -2.02
C TYR B 172 -1.63 5.07 -1.54
N PHE B 173 -0.57 5.16 -2.34
CA PHE B 173 0.68 4.51 -1.98
C PHE B 173 1.39 5.18 -0.81
N SER B 174 1.29 6.50 -0.74
CA SER B 174 1.74 7.21 0.45
C SER B 174 1.05 6.68 1.71
N ALA B 175 -0.26 6.53 1.65
CA ALA B 175 -1.02 6.00 2.81
C ALA B 175 -0.62 4.55 3.17
N VAL B 176 -0.55 3.69 2.16
CA VAL B 176 -0.23 2.28 2.37
C VAL B 176 1.20 2.09 2.87
N SER B 177 2.13 2.83 2.27
CA SER B 177 3.53 2.74 2.67
C SER B 177 3.76 3.25 4.10
N SER B 178 3.07 4.31 4.49
CA SER B 178 3.18 4.80 5.86
C SER B 178 2.62 3.78 6.88
N ALA B 179 1.52 3.13 6.52
CA ALA B 179 0.96 2.11 7.38
C ALA B 179 1.93 0.94 7.56
N LEU B 180 2.61 0.54 6.47
CA LEU B 180 3.58 -0.55 6.57
C LEU B 180 4.73 -0.14 7.50
N ASN B 181 5.03 1.15 7.53
CA ASN B 181 6.14 1.70 8.33
C ASN B 181 5.76 1.85 9.82
N LEU B 182 4.60 2.44 10.09
CA LEU B 182 4.19 2.78 11.45
C LEU B 182 3.30 1.73 12.11
N GLY B 183 2.70 0.85 11.32
CA GLY B 183 1.69 -0.05 11.84
C GLY B 183 0.32 0.62 11.88
N ILE B 184 -0.74 -0.18 11.85
CA ILE B 184 -2.07 0.39 11.99
C ILE B 184 -2.96 -0.58 12.76
N THR B 185 -3.78 -0.04 13.65
CA THR B 185 -4.70 -0.86 14.43
C THR B 185 -6.04 -0.14 14.52
N GLU B 186 -7.07 -0.89 14.91
CA GLU B 186 -8.42 -0.33 14.94
C GLU B 186 -8.57 0.70 16.06
N GLN B 187 -7.64 0.71 17.00
CA GLN B 187 -7.66 1.66 18.10
C GLN B 187 -7.02 3.00 17.76
N ASP B 188 -6.33 3.07 16.63
CA ASP B 188 -5.60 4.31 16.31
C ASP B 188 -6.54 5.47 16.01
N ARG B 189 -6.14 6.64 16.47
CA ARG B 189 -6.82 7.88 16.19
C ARG B 189 -5.77 8.96 15.98
N TRP B 190 -5.90 9.70 14.90
CA TRP B 190 -4.83 10.59 14.45
C TRP B 190 -5.27 12.04 14.63
N LEU B 191 -4.53 12.82 15.41
CA LEU B 191 -4.89 14.21 15.62
C LEU B 191 -4.21 15.13 14.61
N ILE B 192 -5.00 15.98 13.97
CA ILE B 192 -4.54 16.96 13.00
C ILE B 192 -4.91 18.38 13.46
N ALA B 193 -3.90 19.18 13.79
CA ALA B 193 -4.11 20.57 14.19
C ALA B 193 -3.35 21.53 13.29
N LEU B 194 -2.74 21.01 12.23
CA LEU B 194 -2.10 21.87 11.24
C LEU B 194 -2.97 21.91 10.00
N PRO B 195 -2.68 22.85 9.07
CA PRO B 195 -3.60 23.09 7.95
C PRO B 195 -3.80 21.88 7.04
N LEU B 196 -5.06 21.64 6.69
CA LEU B 196 -5.42 20.59 5.76
C LEU B 196 -4.96 20.92 4.35
N PHE B 197 -4.58 22.17 4.10
CA PHE B 197 -4.08 22.52 2.77
C PHE B 197 -2.57 22.26 2.64
N HIS B 198 -1.93 21.84 3.71
CA HIS B 198 -0.54 21.36 3.63
C HIS B 198 -0.56 19.83 3.51
N ILE B 199 0.45 19.23 2.89
CA ILE B 199 0.34 17.82 2.54
C ILE B 199 0.31 16.93 3.80
N SER B 200 0.92 17.37 4.90
CA SER B 200 0.83 16.55 6.13
C SER B 200 -0.63 16.40 6.59
N GLY B 201 -1.37 17.50 6.59
CA GLY B 201 -2.77 17.44 7.01
C GLY B 201 -3.64 16.74 6.00
N LEU B 202 -3.54 17.14 4.74
CA LEU B 202 -4.33 16.51 3.70
C LEU B 202 -4.14 14.99 3.68
N SER B 203 -2.90 14.53 3.83
CA SER B 203 -2.64 13.08 3.74
C SER B 203 -3.37 12.29 4.84
N ALA B 204 -3.61 12.91 5.99
CA ALA B 204 -4.37 12.24 7.05
C ALA B 204 -5.80 11.93 6.63
N LEU B 205 -6.38 12.77 5.78
CA LEU B 205 -7.74 12.54 5.31
C LEU B 205 -7.83 11.27 4.46
N PHE B 206 -6.79 11.02 3.69
CA PHE B 206 -6.78 9.82 2.84
C PHE B 206 -6.45 8.58 3.69
N LYS B 207 -5.50 8.71 4.62
CA LYS B 207 -5.27 7.61 5.57
C LYS B 207 -6.59 7.27 6.27
N SER B 208 -7.36 8.30 6.60
CA SER B 208 -8.62 8.09 7.31
C SER B 208 -9.54 7.12 6.56
N VAL B 209 -9.85 7.43 5.31
CA VAL B 209 -10.77 6.57 4.56
C VAL B 209 -10.11 5.26 4.15
N ILE B 210 -8.82 5.27 3.87
CA ILE B 210 -8.20 4.03 3.40
C ILE B 210 -8.02 3.04 4.57
N TYR B 211 -7.59 3.52 5.74
CA TYR B 211 -7.45 2.66 6.91
C TYR B 211 -8.76 2.42 7.62
N GLY B 212 -9.71 3.32 7.44
CA GLY B 212 -10.90 3.34 8.28
C GLY B 212 -10.54 3.85 9.68
N MET B 213 -9.80 4.95 9.72
CA MET B 213 -9.24 5.47 10.96
C MET B 213 -9.81 6.85 11.29
N THR B 214 -10.12 7.07 12.55
CA THR B 214 -10.63 8.36 13.01
C THR B 214 -9.59 9.48 13.00
N VAL B 215 -9.96 10.63 12.47
CA VAL B 215 -9.14 11.82 12.59
C VAL B 215 -9.77 12.80 13.58
N VAL B 216 -8.98 13.26 14.54
CA VAL B 216 -9.40 14.31 15.45
C VAL B 216 -8.89 15.64 14.90
N LEU B 217 -9.82 16.46 14.44
CA LEU B 217 -9.47 17.63 13.64
C LEU B 217 -9.60 18.88 14.49
N HIS B 218 -8.53 19.68 14.54
CA HIS B 218 -8.57 20.98 15.22
C HIS B 218 -8.50 22.11 14.22
N GLN B 219 -9.18 23.21 14.52
CA GLN B 219 -9.19 24.33 13.61
C GLN B 219 -7.82 24.95 13.55
N ARG B 220 -7.17 25.04 14.70
CA ARG B 220 -5.79 25.49 14.77
C ARG B 220 -5.11 24.86 15.98
N PHE B 221 -3.79 25.03 16.06
CA PHE B 221 -3.06 24.53 17.21
C PHE B 221 -3.18 25.48 18.41
N SER B 222 -3.88 25.00 19.42
CA SER B 222 -3.89 25.65 20.72
C SER B 222 -3.45 24.57 21.70
N VAL B 223 -2.33 24.78 22.39
CA VAL B 223 -1.70 23.68 23.12
C VAL B 223 -2.61 23.07 24.19
N SER B 224 -3.35 23.89 24.94
CA SER B 224 -4.17 23.33 26.01
C SER B 224 -5.36 22.57 25.44
N ASP B 225 -5.95 23.10 24.37
CA ASP B 225 -7.04 22.41 23.69
C ASP B 225 -6.57 21.09 23.09
N VAL B 226 -5.37 21.06 22.54
CA VAL B 226 -4.84 19.81 21.96
C VAL B 226 -4.57 18.76 23.03
N LEU B 227 -3.96 19.17 24.14
CA LEU B 227 -3.75 18.22 25.25
C LEU B 227 -5.06 17.64 25.77
N HIS B 228 -6.05 18.50 26.00
CA HIS B 228 -7.37 18.04 26.42
C HIS B 228 -7.97 17.05 25.42
N SER B 229 -7.91 17.38 24.14
CA SER B 229 -8.37 16.48 23.08
C SER B 229 -7.64 15.13 23.07
N ILE B 230 -6.33 15.14 23.29
CA ILE B 230 -5.58 13.88 23.25
C ILE B 230 -6.06 12.94 24.36
N ASN B 231 -6.29 13.53 25.53
CA ASN B 231 -6.75 12.77 26.68
C ASN B 231 -8.21 12.33 26.52
N ARG B 232 -9.06 13.27 26.13
CA ARG B 232 -10.48 13.00 26.01
C ARG B 232 -10.81 11.96 24.92
N HIS B 233 -10.08 12.02 23.82
CA HIS B 233 -10.42 11.16 22.69
C HIS B 233 -9.44 10.00 22.50
N GLU B 234 -8.50 9.86 23.43
CA GLU B 234 -7.53 8.76 23.36
C GLU B 234 -6.76 8.76 22.06
N VAL B 235 -6.20 9.93 21.71
CA VAL B 235 -5.41 10.07 20.50
C VAL B 235 -4.12 9.23 20.56
N THR B 236 -3.79 8.51 19.48
CA THR B 236 -2.57 7.71 19.51
C THR B 236 -1.49 8.23 18.54
N MET B 237 -1.89 8.96 17.50
CA MET B 237 -0.92 9.51 16.55
C MET B 237 -1.17 10.99 16.41
N ILE B 238 -0.12 11.75 16.18
CA ILE B 238 -0.31 13.17 15.95
C ILE B 238 0.76 13.68 15.00
N SER B 239 0.37 14.64 14.17
CA SER B 239 1.33 15.24 13.24
C SER B 239 1.74 16.59 13.78
N ALA B 240 3.03 16.91 13.75
CA ALA B 240 3.47 18.17 14.33
C ALA B 240 4.59 18.81 13.53
N VAL B 241 4.81 20.09 13.82
CA VAL B 241 6.01 20.77 13.35
C VAL B 241 6.75 21.16 14.62
N GLN B 242 7.99 21.65 14.48
CA GLN B 242 8.82 21.92 15.66
C GLN B 242 8.22 22.88 16.67
N THR B 243 7.62 23.99 16.20
CA THR B 243 7.00 24.92 17.13
C THR B 243 5.87 24.27 17.92
N MET B 244 5.14 23.39 17.27
CA MET B 244 4.05 22.67 17.94
C MET B 244 4.61 21.81 19.06
N LEU B 245 5.65 21.06 18.71
CA LEU B 245 6.24 20.12 19.63
C LEU B 245 6.84 20.84 20.82
N ALA B 246 7.51 21.95 20.55
CA ALA B 246 8.12 22.74 21.61
C ALA B 246 7.05 23.21 22.61
N SER B 247 5.88 23.61 22.12
CA SER B 247 4.80 24.03 23.02
C SER B 247 4.26 22.86 23.86
N LEU B 248 4.09 21.71 23.23
CA LEU B 248 3.62 20.53 23.95
C LEU B 248 4.59 20.20 25.08
N LEU B 249 5.87 20.29 24.79
CA LEU B 249 6.89 20.03 25.81
C LEU B 249 6.76 20.98 27.00
N GLU B 250 6.53 22.26 26.72
CA GLU B 250 6.50 23.25 27.79
C GLU B 250 5.33 23.06 28.72
N GLU B 251 4.24 22.48 28.20
CA GLU B 251 3.03 22.35 29.00
C GLU B 251 2.89 21.01 29.70
N THR B 252 3.86 20.12 29.52
CA THR B 252 3.77 18.80 30.15
C THR B 252 5.04 18.43 30.92
N ASN B 253 4.93 17.44 31.81
CA ASN B 253 6.14 16.86 32.38
C ASN B 253 6.43 15.51 31.72
N ARG B 254 5.39 14.75 31.40
CA ARG B 254 5.56 13.54 30.60
C ARG B 254 4.54 13.55 29.47
N CYS B 255 4.87 12.88 28.38
CA CYS B 255 3.96 12.71 27.25
C CYS B 255 2.68 12.00 27.69
N PRO B 256 1.52 12.46 27.19
CA PRO B 256 0.23 11.79 27.35
C PRO B 256 0.37 10.31 26.95
N GLU B 257 -0.14 9.39 27.74
CA GLU B 257 0.27 7.99 27.59
C GLU B 257 -0.34 7.28 26.39
N SER B 258 -1.44 7.80 25.85
CA SER B 258 -2.05 7.15 24.67
C SER B 258 -1.23 7.36 23.40
N ILE B 259 -0.36 8.36 23.38
CA ILE B 259 0.37 8.71 22.16
C ILE B 259 1.46 7.68 21.85
N ARG B 260 1.43 7.08 20.67
CA ARG B 260 2.47 6.12 20.31
C ARG B 260 3.37 6.65 19.19
N CYS B 261 2.95 7.71 18.51
CA CYS B 261 3.72 8.24 17.40
C CYS B 261 3.46 9.72 17.19
N ILE B 262 4.51 10.52 17.28
CA ILE B 262 4.48 11.92 16.89
C ILE B 262 5.26 12.04 15.59
N LEU B 263 4.57 12.27 14.49
CA LEU B 263 5.20 12.35 13.18
C LEU B 263 5.61 13.78 12.96
N LEU B 264 6.90 14.05 13.06
CA LEU B 264 7.42 15.42 12.99
C LEU B 264 7.83 15.79 11.58
N GLY B 265 7.22 16.84 11.05
CA GLY B 265 7.48 17.24 9.68
C GLY B 265 8.65 18.20 9.62
N GLY B 266 9.17 18.43 8.41
CA GLY B 266 10.17 19.45 8.21
C GLY B 266 11.62 19.00 8.30
N GLY B 267 11.86 17.70 8.16
CA GLY B 267 13.24 17.20 8.13
C GLY B 267 13.84 17.05 9.52
N PRO B 268 15.14 16.73 9.60
CA PRO B 268 15.84 16.49 10.88
C PRO B 268 15.69 17.66 11.84
N ALA B 269 15.48 17.37 13.11
CA ALA B 269 15.30 18.43 14.09
C ALA B 269 16.56 18.65 14.92
N PRO B 270 16.63 19.82 15.58
CA PRO B 270 17.76 20.20 16.44
C PRO B 270 17.88 19.33 17.69
N LEU B 271 19.12 19.12 18.11
CA LEU B 271 19.42 18.26 19.26
C LEU B 271 18.67 18.60 20.55
N PRO B 272 18.65 19.88 20.95
CA PRO B 272 18.02 20.19 22.25
C PRO B 272 16.54 19.82 22.30
N LEU B 273 15.83 20.03 21.19
CA LEU B 273 14.42 19.63 21.10
C LEU B 273 14.30 18.11 21.26
N LEU B 274 15.06 17.37 20.46
CA LEU B 274 15.05 15.91 20.52
C LEU B 274 15.42 15.37 21.90
N GLU B 275 16.39 15.99 22.55
CA GLU B 275 16.83 15.48 23.84
C GLU B 275 15.71 15.66 24.89
N GLU B 276 15.03 16.80 24.86
CA GLU B 276 13.97 17.01 25.83
C GLU B 276 12.77 16.11 25.53
N CYS B 277 12.48 15.90 24.25
CA CYS B 277 11.45 14.93 23.88
C CYS B 277 11.73 13.56 24.47
N ARG B 278 12.97 13.09 24.34
CA ARG B 278 13.31 11.76 24.83
C ARG B 278 13.14 11.70 26.35
N GLU B 279 13.63 12.72 27.04
CA GLU B 279 13.57 12.75 28.49
C GLU B 279 12.12 12.68 28.96
N LYS B 280 11.23 13.31 28.23
CA LYS B 280 9.84 13.38 28.67
C LYS B 280 8.97 12.28 28.07
N GLY B 281 9.59 11.37 27.34
CA GLY B 281 8.87 10.21 26.81
C GLY B 281 8.02 10.48 25.57
N PHE B 282 8.31 11.55 24.85
CA PHE B 282 7.63 11.83 23.59
C PHE B 282 8.23 10.97 22.47
N PRO B 283 7.42 10.09 21.85
CA PRO B 283 7.92 9.24 20.78
C PRO B 283 7.93 9.94 19.41
N VAL B 284 9.01 10.68 19.17
CA VAL B 284 9.12 11.51 17.98
C VAL B 284 9.71 10.74 16.81
N PHE B 285 8.87 10.51 15.81
CA PHE B 285 9.32 9.99 14.52
C PHE B 285 9.68 11.14 13.59
N GLN B 286 10.98 11.32 13.33
CA GLN B 286 11.40 12.39 12.41
C GLN B 286 11.17 11.93 10.98
N SER B 287 11.03 12.89 10.08
CA SER B 287 10.72 12.55 8.71
C SER B 287 11.22 13.59 7.73
N TYR B 288 11.24 13.20 6.46
CA TYR B 288 11.59 14.11 5.39
C TYR B 288 10.74 13.73 4.19
N GLY B 289 10.24 14.74 3.50
CA GLY B 289 9.49 14.52 2.29
C GLY B 289 9.08 15.89 1.82
N MET B 290 8.13 15.93 0.90
CA MET B 290 7.70 17.20 0.35
C MET B 290 6.34 17.09 -0.28
N THR B 291 5.84 18.23 -0.73
CA THR B 291 4.61 18.23 -1.50
C THR B 291 4.72 17.24 -2.69
N GLU B 292 5.89 17.26 -3.35
CA GLU B 292 6.15 16.38 -4.50
C GLU B 292 6.15 14.87 -4.18
N THR B 293 6.30 14.50 -2.94
CA THR B 293 6.27 13.12 -2.54
C THR B 293 5.00 12.75 -1.80
N CYS B 294 4.07 13.66 -1.76
CA CYS B 294 2.79 13.45 -1.17
C CYS B 294 2.84 13.10 0.33
N SER B 295 3.83 13.64 1.02
CA SER B 295 4.07 13.53 2.45
C SER B 295 5.46 12.88 2.66
N GLN B 296 5.68 12.20 3.76
CA GLN B 296 7.01 11.71 4.07
C GLN B 296 7.46 10.64 3.07
N ILE B 297 8.73 10.57 2.78
CA ILE B 297 9.25 9.45 2.01
C ILE B 297 10.34 8.70 2.80
N VAL B 298 10.84 9.30 3.89
CA VAL B 298 11.69 8.58 4.83
C VAL B 298 11.26 8.93 6.23
N THR B 299 11.49 8.03 7.19
CA THR B 299 11.18 8.33 8.58
C THR B 299 12.22 7.70 9.48
N LEU B 300 12.42 8.31 10.64
CA LEU B 300 13.41 7.84 11.61
C LEU B 300 12.73 7.53 12.94
N SER B 301 12.89 6.31 13.44
CA SER B 301 12.30 5.95 14.73
C SER B 301 12.91 6.76 15.87
N PRO B 302 12.17 6.90 16.98
CA PRO B 302 12.61 7.78 18.07
C PRO B 302 13.93 7.35 18.71
N GLU B 303 14.23 6.05 18.71
CA GLU B 303 15.44 5.58 19.41
C GLU B 303 16.75 5.94 18.68
N PHE B 304 16.63 6.55 17.51
CA PHE B 304 17.80 6.99 16.73
C PHE B 304 18.04 8.49 16.84
N SER B 305 17.08 9.20 17.43
CA SER B 305 17.04 10.66 17.32
C SER B 305 18.33 11.34 17.80
N MET B 306 18.90 10.90 18.92
CA MET B 306 20.12 11.54 19.41
C MET B 306 21.38 10.94 18.79
N GLU B 307 21.28 9.70 18.35
CA GLU B 307 22.45 8.95 17.91
C GLU B 307 22.71 9.19 16.43
N LYS B 308 21.67 9.57 15.70
CA LYS B 308 21.82 9.88 14.28
C LYS B 308 21.37 11.30 14.02
N LEU B 309 22.10 12.25 14.62
CA LEU B 309 21.79 13.67 14.46
C LEU B 309 21.85 14.06 13.00
N GLY B 310 20.85 14.80 12.54
CA GLY B 310 20.74 15.22 11.16
C GLY B 310 20.13 14.18 10.23
N SER B 311 19.72 13.03 10.77
CA SER B 311 19.11 12.01 9.94
C SER B 311 17.58 12.09 9.91
N ALA B 312 17.02 11.76 8.76
CA ALA B 312 15.56 11.67 8.60
C ALA B 312 15.14 10.22 8.40
N GLY B 313 16.12 9.33 8.38
CA GLY B 313 15.84 7.92 8.45
C GLY B 313 15.90 7.13 7.16
N LYS B 314 15.02 6.14 7.06
CA LYS B 314 15.04 5.18 5.98
C LYS B 314 13.78 5.26 5.13
N PRO B 315 13.90 4.87 3.86
CA PRO B 315 12.84 5.00 2.88
C PRO B 315 11.64 4.14 3.23
N LEU B 316 10.47 4.64 3.00
CA LEU B 316 9.26 3.84 3.12
C LEU B 316 9.29 2.70 2.06
N PHE B 317 8.59 1.63 2.39
CA PHE B 317 8.50 0.48 1.57
C PHE B 317 7.97 0.88 0.18
N SER B 318 8.55 0.31 -0.84
CA SER B 318 8.29 0.60 -2.24
C SER B 318 9.07 1.86 -2.74
N CYS B 319 9.60 2.63 -1.81
CA CYS B 319 10.29 3.86 -2.12
C CYS B 319 11.79 3.73 -2.07
N GLU B 320 12.48 4.59 -2.80
CA GLU B 320 13.94 4.55 -2.90
C GLU B 320 14.55 5.94 -2.83
N ILE B 321 15.76 5.98 -2.28
CA ILE B 321 16.53 7.20 -2.24
C ILE B 321 17.95 6.89 -2.69
N LYS B 322 18.61 7.88 -3.24
CA LYS B 322 20.02 7.73 -3.58
C LYS B 322 20.68 9.09 -3.55
N ILE B 323 21.98 9.07 -3.33
CA ILE B 323 22.79 10.27 -3.26
C ILE B 323 23.66 10.30 -4.52
N GLU B 324 23.59 11.37 -5.31
CA GLU B 324 24.37 11.42 -6.55
C GLU B 324 25.05 12.77 -6.77
N ARG B 325 26.22 12.72 -7.41
CA ARG B 325 26.86 13.93 -7.91
C ARG B 325 27.31 13.70 -9.37
N ASP B 326 26.74 14.48 -10.29
CA ASP B 326 27.05 14.34 -11.71
C ASP B 326 26.86 12.90 -12.21
N GLY B 327 25.72 12.31 -11.89
CA GLY B 327 25.41 10.97 -12.38
C GLY B 327 26.21 9.84 -11.76
N GLN B 328 27.11 10.17 -10.83
CA GLN B 328 27.88 9.15 -10.14
C GLN B 328 27.31 8.93 -8.75
N VAL B 329 27.09 7.66 -8.39
CA VAL B 329 26.58 7.34 -7.06
C VAL B 329 27.64 7.70 -6.03
N CYS B 330 27.21 8.03 -4.82
CA CYS B 330 28.13 8.44 -3.77
C CYS B 330 28.38 7.33 -2.76
N GLU B 331 29.59 7.29 -2.22
CA GLU B 331 29.91 6.38 -1.13
C GLU B 331 29.23 6.86 0.15
N PRO B 332 29.20 6.01 1.18
CA PRO B 332 28.68 6.48 2.47
C PRO B 332 29.43 7.72 2.98
N TYR B 333 28.65 8.70 3.45
CA TYR B 333 29.12 9.95 4.05
C TYR B 333 29.55 10.96 3.01
N GLU B 334 29.64 10.54 1.75
CA GLU B 334 29.93 11.44 0.65
C GLU B 334 28.70 12.27 0.29
N HIS B 335 28.86 13.60 0.16
CA HIS B 335 27.73 14.48 -0.09
C HIS B 335 27.29 14.49 -1.56
N GLY B 336 25.99 14.55 -1.77
CA GLY B 336 25.45 14.68 -3.11
C GLY B 336 24.00 15.12 -3.10
N GLU B 337 23.41 15.19 -4.28
CA GLU B 337 22.02 15.60 -4.39
C GLU B 337 21.09 14.45 -3.97
N ILE B 338 20.16 14.74 -3.08
CA ILE B 338 19.20 13.71 -2.67
C ILE B 338 18.20 13.51 -3.80
N MET B 339 18.05 12.26 -4.24
CA MET B 339 17.11 11.94 -5.29
C MET B 339 16.20 10.81 -4.83
N VAL B 340 14.94 10.90 -5.21
CA VAL B 340 13.96 9.92 -4.73
C VAL B 340 13.12 9.32 -5.86
N LYS B 341 12.59 8.13 -5.62
CA LYS B 341 11.76 7.45 -6.58
C LYS B 341 10.73 6.63 -5.82
N GLY B 342 9.54 6.52 -6.37
CA GLY B 342 8.49 5.70 -5.75
C GLY B 342 7.12 6.07 -6.26
N PRO B 343 6.12 5.23 -5.94
CA PRO B 343 4.74 5.39 -6.42
C PRO B 343 4.03 6.56 -5.75
N ASN B 344 4.63 7.11 -4.71
CA ASN B 344 4.10 8.32 -4.06
C ASN B 344 4.70 9.60 -4.64
N VAL B 345 5.64 9.48 -5.57
CA VAL B 345 6.26 10.67 -6.17
C VAL B 345 5.38 11.22 -7.30
N MET B 346 5.21 12.54 -7.29
CA MET B 346 4.32 13.25 -8.18
C MET B 346 4.52 12.95 -9.65
N LYS B 347 3.42 13.06 -10.39
CA LYS B 347 3.34 13.03 -11.83
C LYS B 347 4.28 14.05 -12.47
N SER B 348 3.97 15.31 -12.22
CA SER B 348 4.75 16.39 -12.76
C SER B 348 4.17 17.66 -12.23
N TYR B 349 4.93 18.73 -12.38
CA TYR B 349 4.41 20.06 -12.12
C TYR B 349 3.39 20.41 -13.20
N PHE B 350 2.38 21.18 -12.84
CA PHE B 350 1.32 21.53 -13.79
C PHE B 350 1.80 22.63 -14.73
N ASN B 351 1.81 22.36 -16.04
CA ASN B 351 2.08 23.40 -17.02
C ASN B 351 3.42 24.12 -16.78
N ARG B 352 4.43 23.33 -16.39
N ARG B 352 4.46 23.36 -16.44
CA ARG B 352 5.75 23.84 -16.05
CA ARG B 352 5.74 23.97 -16.12
C ARG B 352 6.81 22.92 -16.61
C ARG B 352 6.85 23.03 -16.62
N GLU B 353 6.85 22.77 -17.93
CA GLU B 353 7.76 21.81 -18.55
C GLU B 353 9.23 22.07 -18.24
N SER B 354 9.60 23.34 -18.07
CA SER B 354 10.98 23.65 -17.68
C SER B 354 11.36 23.06 -16.31
N ALA B 355 10.44 23.12 -15.36
CA ALA B 355 10.71 22.62 -14.01
C ALA B 355 10.73 21.10 -14.00
N ASN B 356 9.83 20.50 -14.79
CA ASN B 356 9.83 19.06 -14.99
C ASN B 356 11.17 18.56 -15.54
N GLU B 357 11.65 19.23 -16.58
CA GLU B 357 12.90 18.83 -17.23
C GLU B 357 14.07 18.98 -16.24
N ALA B 358 14.04 20.04 -15.44
CA ALA B 358 15.08 20.29 -14.46
C ALA B 358 15.01 19.37 -13.24
N SER B 359 13.80 18.95 -12.84
CA SER B 359 13.67 18.22 -11.58
C SER B 359 13.86 16.71 -11.70
N PHE B 360 13.50 16.16 -12.84
CA PHE B 360 13.55 14.71 -13.01
C PHE B 360 14.78 14.29 -13.75
N GLN B 361 15.29 13.12 -13.41
CA GLN B 361 16.47 12.57 -14.05
C GLN B 361 16.35 11.06 -14.13
N ASN B 362 16.12 10.55 -15.33
CA ASN B 362 15.99 9.12 -15.54
C ASN B 362 14.98 8.49 -14.60
N GLY B 363 13.89 9.20 -14.32
CA GLY B 363 12.82 8.65 -13.51
C GLY B 363 12.93 8.96 -12.03
N TRP B 364 14.06 9.50 -11.60
CA TRP B 364 14.22 9.97 -10.23
C TRP B 364 13.88 11.44 -10.10
N LEU B 365 13.36 11.82 -8.94
CA LEU B 365 13.10 13.23 -8.65
C LEU B 365 14.25 13.82 -7.81
N LYS B 366 14.79 14.94 -8.24
CA LYS B 366 15.77 15.68 -7.43
C LYS B 366 15.03 16.50 -6.38
N THR B 367 15.41 16.36 -5.12
CA THR B 367 14.72 17.10 -4.06
C THR B 367 15.19 18.56 -3.97
N GLY B 368 16.36 18.84 -4.53
CA GLY B 368 16.95 20.16 -4.38
C GLY B 368 17.77 20.29 -3.11
N ASP B 369 17.79 19.25 -2.29
CA ASP B 369 18.61 19.24 -1.08
C ASP B 369 19.82 18.33 -1.24
N LEU B 370 20.87 18.67 -0.51
CA LEU B 370 22.06 17.84 -0.46
C LEU B 370 21.99 16.98 0.78
N GLY B 371 22.60 15.81 0.72
CA GLY B 371 22.62 14.92 1.86
C GLY B 371 23.64 13.83 1.69
N TYR B 372 23.54 12.82 2.53
CA TYR B 372 24.43 11.69 2.44
C TYR B 372 23.77 10.52 3.17
N LEU B 373 24.26 9.31 2.93
CA LEU B 373 23.85 8.15 3.68
C LEU B 373 24.95 7.72 4.64
N ASP B 374 24.59 7.15 5.77
CA ASP B 374 25.62 6.54 6.60
C ASP B 374 25.82 5.10 6.18
N ASN B 375 26.63 4.37 6.93
CA ASN B 375 26.92 2.95 6.68
C ASN B 375 25.69 2.04 6.68
N GLU B 376 24.69 2.42 7.46
CA GLU B 376 23.53 1.55 7.65
C GLU B 376 22.39 1.94 6.70
N GLY B 377 22.62 2.93 5.84
CA GLY B 377 21.65 3.34 4.84
C GLY B 377 20.72 4.46 5.28
N PHE B 378 20.96 5.04 6.46
CA PHE B 378 20.13 6.15 6.92
C PHE B 378 20.48 7.44 6.17
N LEU B 379 19.47 8.22 5.80
CA LEU B 379 19.65 9.47 5.09
C LEU B 379 19.87 10.66 6.03
N TYR B 380 20.86 11.51 5.69
CA TYR B 380 21.09 12.74 6.43
C TYR B 380 20.87 13.91 5.46
N VAL B 381 20.26 14.97 5.96
CA VAL B 381 19.97 16.12 5.12
C VAL B 381 20.82 17.28 5.57
N LEU B 382 21.59 17.85 4.65
CA LEU B 382 22.49 18.93 5.01
C LEU B 382 21.71 20.24 4.99
N ASP B 383 22.07 21.16 5.88
CA ASP B 383 21.35 22.43 6.00
C ASP B 383 21.64 23.34 4.83
N ASP B 387 24.74 24.77 -0.63
CA ASP B 387 23.75 25.57 0.08
C ASP B 387 24.25 26.98 0.35
N LEU B 388 24.54 27.74 -0.71
CA LEU B 388 24.34 27.28 -2.08
C LEU B 388 25.68 26.87 -2.69
N ILE B 389 25.64 25.86 -3.57
CA ILE B 389 26.86 25.34 -4.19
C ILE B 389 26.62 24.86 -5.62
N ILE B 390 27.70 24.69 -6.31
CA ILE B 390 27.66 24.21 -7.66
C ILE B 390 28.58 22.99 -7.81
N SER B 391 28.16 21.97 -8.53
CA SER B 391 29.06 20.87 -8.84
C SER B 391 29.00 20.55 -10.29
N GLY B 392 30.12 20.46 -11.01
CA GLY B 392 31.47 20.75 -10.58
C GLY B 392 32.54 20.06 -11.44
N GLY B 393 32.69 18.73 -11.40
CA GLY B 393 31.92 17.71 -10.67
C GLY B 393 32.41 17.51 -9.25
N GLU B 394 33.27 18.41 -8.82
CA GLU B 394 33.73 18.61 -7.41
C GLU B 394 32.74 19.47 -6.61
N ASN B 395 33.15 20.20 -5.57
CA ASN B 395 32.36 21.33 -5.03
C ASN B 395 32.91 22.76 -5.25
N ILE B 396 32.05 23.72 -5.57
CA ILE B 396 32.41 25.09 -5.71
C ILE B 396 31.37 25.86 -4.92
N TYR B 397 31.81 26.37 -3.78
CA TYR B 397 31.01 27.33 -3.02
C TYR B 397 31.17 28.68 -3.71
N PRO B 398 30.08 29.21 -4.29
CA PRO B 398 30.24 30.51 -4.95
C PRO B 398 30.78 31.54 -3.97
N ALA B 399 30.43 31.44 -2.69
CA ALA B 399 30.90 32.43 -1.72
C ALA B 399 32.43 32.41 -1.59
N GLU B 400 33.03 31.24 -1.75
CA GLU B 400 34.49 31.14 -1.67
C GLU B 400 35.17 31.84 -2.85
N VAL B 401 34.63 31.65 -4.06
CA VAL B 401 35.15 32.32 -5.24
C VAL B 401 34.89 33.83 -5.16
N GLU B 402 33.70 34.21 -4.70
CA GLU B 402 33.37 35.63 -4.55
C GLU B 402 34.33 36.32 -3.60
N SER B 403 34.69 35.64 -2.52
CA SER B 403 35.59 36.22 -1.52
C SER B 403 36.95 36.53 -2.13
N VAL B 404 37.45 35.63 -2.96
CA VAL B 404 38.74 35.85 -3.63
C VAL B 404 38.67 37.02 -4.58
N LEU B 405 37.66 37.04 -5.44
CA LEU B 405 37.50 38.13 -6.41
C LEU B 405 37.39 39.48 -5.69
N LEU B 406 36.56 39.53 -4.65
CA LEU B 406 36.36 40.75 -3.87
C LEU B 406 37.67 41.33 -3.32
N SER B 407 38.60 40.46 -2.94
CA SER B 407 39.86 40.92 -2.35
C SER B 407 40.75 41.64 -3.36
N HIS B 408 40.45 41.50 -4.65
CA HIS B 408 41.20 42.24 -5.68
C HIS B 408 40.97 43.75 -5.53
N PRO B 409 42.03 44.56 -5.68
CA PRO B 409 41.90 46.01 -5.46
C PRO B 409 40.91 46.68 -6.41
N ALA B 410 40.74 46.16 -7.63
CA ALA B 410 39.81 46.83 -8.57
C ALA B 410 38.36 46.37 -8.39
N VAL B 411 38.14 45.29 -7.65
CA VAL B 411 36.79 44.72 -7.53
C VAL B 411 36.07 45.22 -6.26
N ALA B 412 34.84 45.68 -6.41
CA ALA B 412 34.09 46.25 -5.30
C ALA B 412 33.08 45.26 -4.75
N GLU B 413 32.53 44.44 -5.64
CA GLU B 413 31.52 43.44 -5.27
C GLU B 413 31.63 42.29 -6.26
N ALA B 414 31.32 41.08 -5.83
CA ALA B 414 31.34 39.93 -6.74
C ALA B 414 30.21 38.95 -6.46
N GLY B 415 29.66 38.39 -7.54
CA GLY B 415 28.73 37.29 -7.43
C GLY B 415 29.11 36.19 -8.41
N VAL B 416 28.90 34.94 -8.00
CA VAL B 416 29.25 33.78 -8.80
C VAL B 416 28.06 32.81 -8.87
N SER B 417 27.83 32.26 -10.07
CA SER B 417 26.84 31.20 -10.25
C SER B 417 27.31 30.22 -11.29
N GLY B 418 26.69 29.06 -11.34
CA GLY B 418 27.07 28.02 -12.28
C GLY B 418 26.52 28.27 -13.67
N ALA B 419 27.30 27.91 -14.67
CA ALA B 419 26.87 28.00 -16.06
C ALA B 419 27.27 26.73 -16.78
N GLU B 420 26.70 26.50 -17.96
CA GLU B 420 27.11 25.37 -18.79
C GLU B 420 27.94 25.84 -19.97
N ASP B 421 29.15 25.32 -20.11
CA ASP B 421 30.03 25.72 -21.20
C ASP B 421 30.12 24.66 -22.30
N LYS B 426 29.69 22.05 -16.62
CA LYS B 426 29.22 23.02 -15.63
C LYS B 426 30.39 23.78 -15.04
N VAL B 427 30.39 25.10 -15.20
CA VAL B 427 31.50 25.93 -14.77
C VAL B 427 30.96 27.15 -14.01
N PRO B 428 31.82 27.79 -13.21
CA PRO B 428 31.40 29.05 -12.57
C PRO B 428 31.59 30.25 -13.51
N HIS B 429 30.63 31.17 -13.50
CA HIS B 429 30.78 32.47 -14.15
C HIS B 429 30.76 33.53 -13.06
N ALA B 430 31.48 34.62 -13.26
CA ALA B 430 31.54 35.67 -12.26
C ALA B 430 30.93 36.97 -12.75
N TYR B 431 30.33 37.69 -11.82
CA TYR B 431 29.60 38.91 -12.08
C TYR B 431 30.14 39.95 -11.10
N LEU B 432 30.73 41.01 -11.64
CA LEU B 432 31.53 41.91 -10.82
C LEU B 432 31.02 43.34 -10.86
N VAL B 433 31.12 44.03 -9.74
CA VAL B 433 31.03 45.48 -9.75
C VAL B 433 32.44 46.03 -9.53
N LEU B 434 32.91 46.89 -10.44
CA LEU B 434 34.32 47.29 -10.40
C LEU B 434 34.50 48.71 -9.88
N HIS B 435 35.58 48.93 -9.12
CA HIS B 435 36.03 50.31 -8.81
C HIS B 435 36.72 50.90 -10.04
N LYS B 436 37.57 50.08 -10.67
CA LYS B 436 38.37 50.46 -11.83
C LYS B 436 38.42 49.31 -12.83
N PRO B 437 38.74 49.61 -14.09
CA PRO B 437 38.92 48.56 -15.11
C PRO B 437 40.00 47.54 -14.72
N VAL B 438 39.78 46.29 -15.07
CA VAL B 438 40.76 45.22 -14.89
C VAL B 438 40.48 44.11 -15.93
N SER B 439 41.53 43.50 -16.47
CA SER B 439 41.35 42.54 -17.58
C SER B 439 40.93 41.17 -17.08
N ALA B 440 40.29 40.39 -17.95
CA ALA B 440 39.96 39.01 -17.63
C ALA B 440 41.23 38.20 -17.36
N GLY B 441 42.28 38.50 -18.09
CA GLY B 441 43.53 37.77 -17.90
C GLY B 441 44.07 37.96 -16.50
N GLU B 442 44.12 39.20 -16.03
CA GLU B 442 44.57 39.47 -14.68
C GLU B 442 43.67 38.81 -13.63
N LEU B 443 42.34 38.93 -13.77
CA LEU B 443 41.45 38.32 -12.79
C LEU B 443 41.60 36.80 -12.74
N THR B 444 41.72 36.20 -13.92
CA THR B 444 41.89 34.75 -14.00
C THR B 444 43.16 34.35 -13.26
N ASP B 445 44.23 35.11 -13.45
CA ASP B 445 45.49 34.73 -12.83
C ASP B 445 45.40 34.97 -11.32
N TYR B 446 44.71 36.04 -10.92
CA TYR B 446 44.51 36.33 -9.51
C TYR B 446 43.79 35.16 -8.83
N CYS B 447 42.78 34.61 -9.50
CA CYS B 447 42.05 33.47 -8.96
C CYS B 447 42.90 32.21 -8.96
N LYS B 448 43.63 32.00 -10.05
CA LYS B 448 44.45 30.81 -10.20
C LYS B 448 45.43 30.61 -9.05
N GLU B 449 45.97 31.71 -8.54
CA GLU B 449 46.91 31.66 -7.42
C GLU B 449 46.25 31.33 -6.07
N ARG B 450 44.93 31.54 -5.97
CA ARG B 450 44.24 31.45 -4.69
C ARG B 450 43.17 30.35 -4.63
N LEU B 451 42.96 29.65 -5.73
CA LEU B 451 41.86 28.70 -5.84
C LEU B 451 42.27 27.46 -6.58
N ALA B 452 41.72 26.32 -6.17
CA ALA B 452 41.76 25.09 -6.96
C ALA B 452 41.30 25.40 -8.38
N LYS B 453 41.85 24.69 -9.35
CA LYS B 453 41.69 25.10 -10.73
C LYS B 453 40.28 24.95 -11.26
N TYR B 454 39.49 24.05 -10.68
CA TYR B 454 38.10 23.93 -11.12
C TYR B 454 37.18 25.00 -10.52
N LYS B 455 37.74 25.89 -9.69
CA LYS B 455 36.96 26.96 -9.08
C LYS B 455 37.13 28.30 -9.81
N ILE B 456 37.98 28.32 -10.82
CA ILE B 456 38.28 29.55 -11.54
C ILE B 456 37.14 29.93 -12.50
N PRO B 457 36.63 31.15 -12.39
CA PRO B 457 35.57 31.59 -13.30
C PRO B 457 35.97 31.46 -14.77
N ALA B 458 35.08 30.93 -15.59
CA ALA B 458 35.36 30.75 -17.01
C ALA B 458 35.03 32.00 -17.82
N LYS B 459 34.12 32.81 -17.29
CA LYS B 459 33.68 34.04 -17.91
C LYS B 459 33.52 35.10 -16.83
N PHE B 460 33.78 36.36 -17.17
CA PHE B 460 33.62 37.49 -16.24
C PHE B 460 32.66 38.52 -16.82
N PHE B 461 31.68 38.94 -16.04
CA PHE B 461 30.74 39.97 -16.47
C PHE B 461 30.84 41.19 -15.55
N VAL B 462 30.72 42.40 -16.10
CA VAL B 462 30.77 43.61 -15.28
C VAL B 462 29.39 44.25 -15.20
N LEU B 463 28.82 44.28 -14.00
CA LEU B 463 27.47 44.81 -13.79
C LEU B 463 27.52 46.15 -13.04
N ASP B 464 26.42 46.91 -13.06
CA ASP B 464 26.32 48.16 -12.29
C ASP B 464 25.94 47.87 -10.84
N ARG B 465 25.19 46.78 -10.64
CA ARG B 465 24.80 46.39 -9.29
C ARG B 465 24.45 44.91 -9.26
N LEU B 466 24.45 44.33 -8.08
CA LEU B 466 24.09 42.93 -7.92
C LEU B 466 22.74 42.79 -7.24
N PRO B 467 21.97 41.76 -7.62
CA PRO B 467 20.64 41.56 -7.02
C PRO B 467 20.72 41.02 -5.59
N ARG B 468 20.06 41.67 -4.64
CA ARG B 468 19.99 41.17 -3.27
C ARG B 468 18.58 41.23 -2.72
N ASN B 469 18.23 40.31 -1.83
CA ASN B 469 16.90 40.33 -1.25
C ASN B 469 16.80 41.30 -0.07
N ALA B 470 15.67 41.26 0.64
CA ALA B 470 15.40 42.23 1.71
C ALA B 470 16.39 42.13 2.87
N SER B 471 17.02 40.96 3.02
CA SER B 471 18.02 40.76 4.06
C SER B 471 19.42 40.98 3.52
N ASN B 472 19.49 41.64 2.38
CA ASN B 472 20.76 41.96 1.71
C ASN B 472 21.55 40.73 1.29
N LYS B 473 20.88 39.59 1.11
CA LYS B 473 21.59 38.42 0.62
C LYS B 473 21.62 38.40 -0.91
N LEU B 474 22.77 38.02 -1.47
CA LEU B 474 22.96 37.91 -2.90
C LEU B 474 22.03 36.88 -3.52
N LEU B 475 21.31 37.26 -4.58
CA LEU B 475 20.45 36.31 -5.28
C LEU B 475 21.15 35.75 -6.51
N ARG B 476 21.90 34.68 -6.33
CA ARG B 476 22.80 34.19 -7.37
C ARG B 476 22.05 33.64 -8.56
N ASN B 477 20.85 33.12 -8.32
CA ASN B 477 20.00 32.62 -9.38
C ASN B 477 19.61 33.70 -10.39
N GLN B 478 19.77 34.98 -10.01
CA GLN B 478 19.36 36.06 -10.91
C GLN B 478 20.53 36.69 -11.70
N LEU B 479 21.75 36.21 -11.46
CA LEU B 479 22.93 36.83 -12.08
C LEU B 479 22.97 36.63 -13.60
N LYS B 480 22.70 35.41 -14.05
CA LYS B 480 22.81 35.08 -15.46
C LYS B 480 21.91 35.95 -16.36
N ASP B 481 20.64 36.09 -16.00
CA ASP B 481 19.70 36.95 -16.75
C ASP B 481 20.14 38.41 -16.81
N ALA B 482 20.90 38.84 -15.81
CA ALA B 482 21.36 40.22 -15.72
C ALA B 482 22.72 40.46 -16.40
N ARG B 483 23.27 39.42 -17.05
CA ARG B 483 24.63 39.50 -17.59
C ARG B 483 24.86 40.64 -18.59
N LYS B 484 26.02 41.27 -18.48
CA LYS B 484 26.45 42.29 -19.45
C LYS B 484 27.89 42.66 -19.17
N GLY B 485 28.45 43.52 -20.01
CA GLY B 485 29.83 43.96 -19.85
C GLY B 485 30.82 42.81 -19.75
N GLU B 486 30.64 41.79 -20.59
CA GLU B 486 31.56 40.65 -20.59
C GLU B 486 33.00 41.10 -20.86
N LEU B 487 33.94 40.62 -20.06
CA LEU B 487 35.35 40.97 -20.24
C LEU B 487 36.01 40.01 -21.24
N LEU B 488 36.57 40.55 -22.33
CA LEU B 488 37.06 39.73 -23.42
C LEU B 488 38.56 39.91 -23.67
C ACT C . 5.82 -1.13 12.48
O ACT C . 6.43 -1.53 11.51
OXT ACT C . 4.59 -1.19 12.52
CH3 ACT C . 6.56 -0.57 13.67
CA CA D . 38.22 44.87 -3.45
#